data_4M99
#
_entry.id   4M99
#
_cell.length_a   97.660
_cell.length_b   97.660
_cell.length_c   173.910
_cell.angle_alpha   90.000
_cell.angle_beta   90.000
_cell.angle_gamma   90.000
#
_symmetry.space_group_name_H-M   'P 43 21 2'
#
loop_
_entity.id
_entity.type
_entity.pdbx_description
1 polymer 'Pilin glycosylation protein'
2 non-polymer 'ACETYL COENZYME *A'
3 non-polymer 'SODIUM ION'
4 water water
#
_entity_poly.entity_id   1
_entity_poly.type   'polypeptide(L)'
_entity_poly.pdbx_seq_one_letter_code
;MAGNRKLAVIGAGGHGKVVAELAAALGTYGEIVFLDDRTQGSVNGFPVIGTTLLLENSLSPEQFDITVAVGNNRIRRQIT
ENAAALGFKLPVLIHPDATVSPSAIIGQGSVVMAKAVVQAGSVLKDGVIVNTAATVDHDCLLDAFVHISPGAHLSGNTRI
GEESRIGTGACSRQQTTVGSGVTAGAGAVIVCDIPDGMTVAGNPAKPL
;
_entity_poly.pdbx_strand_id   A,B,C
#
loop_
_chem_comp.id
_chem_comp.type
_chem_comp.name
_chem_comp.formula
ACO non-polymer 'ACETYL COENZYME *A' 'C23 H38 N7 O17 P3 S'
NA non-polymer 'SODIUM ION' 'Na 1'
#
# COMPACT_ATOMS: atom_id res chain seq x y z
N GLY A 3 -16.89 4.48 27.46
CA GLY A 3 -16.10 3.31 27.12
C GLY A 3 -14.97 3.06 28.11
N ASN A 4 -14.37 1.86 28.04
CA ASN A 4 -13.21 1.58 28.88
C ASN A 4 -12.06 2.51 28.55
N ARG A 5 -11.31 2.90 29.58
CA ARG A 5 -10.15 3.78 29.41
C ARG A 5 -8.81 3.00 29.31
N LYS A 6 -8.90 1.68 29.49
CA LYS A 6 -7.72 0.84 29.49
C LYS A 6 -7.85 -0.29 28.49
N LEU A 7 -6.75 -0.61 27.82
CA LEU A 7 -6.71 -1.72 26.90
C LEU A 7 -5.62 -2.71 27.30
N ALA A 8 -5.98 -3.99 27.37
CA ALA A 8 -5.02 -5.05 27.62
C ALA A 8 -4.80 -5.86 26.35
N VAL A 9 -3.56 -5.80 25.86
CA VAL A 9 -3.16 -6.51 24.67
C VAL A 9 -2.52 -7.83 25.07
N ILE A 10 -3.17 -8.92 24.70
CA ILE A 10 -2.65 -10.25 25.00
C ILE A 10 -1.68 -10.71 23.92
N GLY A 11 -0.43 -10.93 24.33
CA GLY A 11 0.62 -11.32 23.41
C GLY A 11 1.60 -10.18 23.26
N ALA A 12 2.80 -10.31 23.85
CA ALA A 12 3.81 -9.26 23.77
C ALA A 12 4.91 -9.56 22.75
N GLY A 13 4.63 -10.44 21.79
CA GLY A 13 5.52 -10.67 20.69
C GLY A 13 5.60 -9.46 19.74
N GLY A 14 6.10 -9.72 18.53
CA GLY A 14 6.29 -8.65 17.54
C GLY A 14 4.97 -8.12 17.03
N HIS A 15 4.04 -9.05 16.81
CA HIS A 15 2.67 -8.69 16.50
C HIS A 15 2.10 -7.81 17.62
N GLY A 16 2.22 -8.27 18.87
CA GLY A 16 1.79 -7.50 20.01
C GLY A 16 2.33 -6.07 20.01
N LYS A 17 3.55 -5.90 19.57
CA LYS A 17 4.15 -4.57 19.56
C LYS A 17 3.47 -3.68 18.55
N VAL A 18 3.10 -4.24 17.41
CA VAL A 18 2.44 -3.45 16.38
C VAL A 18 1.01 -3.09 16.78
N VAL A 19 0.29 -4.05 17.36
CA VAL A 19 -1.07 -3.81 17.81
C VAL A 19 -1.12 -2.78 18.93
N ALA A 20 -0.17 -2.86 19.85
CA ALA A 20 -0.13 -1.92 20.96
C ALA A 20 0.11 -0.54 20.41
N GLU A 21 1.00 -0.45 19.44
CA GLU A 21 1.25 0.83 18.77
C GLU A 21 0.05 1.28 17.94
N LEU A 22 -0.70 0.32 17.37
CA LEU A 22 -1.91 0.66 16.67
C LEU A 22 -2.85 1.38 17.61
N ALA A 23 -3.10 0.75 18.76
CA ALA A 23 -4.01 1.29 19.77
C ALA A 23 -3.51 2.60 20.32
N ALA A 24 -2.18 2.72 20.46
CA ALA A 24 -1.60 3.98 20.92
C ALA A 24 -1.85 5.09 19.91
N ALA A 25 -1.79 4.75 18.62
CA ALA A 25 -2.00 5.72 17.55
C ALA A 25 -3.41 6.29 17.53
N LEU A 26 -4.40 5.49 17.94
CA LEU A 26 -5.79 5.91 18.03
C LEU A 26 -5.93 7.09 18.98
N GLY A 27 -5.06 7.11 19.98
CA GLY A 27 -4.99 8.21 20.92
C GLY A 27 -6.16 8.28 21.88
N THR A 28 -6.92 7.21 22.02
CA THR A 28 -8.12 7.27 22.84
C THR A 28 -8.00 6.63 24.21
N TYR A 29 -7.07 5.70 24.37
CA TYR A 29 -6.92 5.04 25.67
C TYR A 29 -6.06 5.83 26.65
N GLY A 30 -6.32 5.62 27.93
CA GLY A 30 -5.52 6.26 28.97
C GLY A 30 -4.34 5.38 29.39
N GLU A 31 -4.50 4.07 29.27
CA GLU A 31 -3.39 3.16 29.46
C GLU A 31 -3.54 1.91 28.61
N ILE A 32 -2.43 1.49 28.02
CA ILE A 32 -2.36 0.28 27.23
C ILE A 32 -1.33 -0.68 27.82
N VAL A 33 -1.75 -1.90 28.10
CA VAL A 33 -0.88 -2.88 28.76
C VAL A 33 -0.85 -4.22 28.04
N PHE A 34 0.17 -5.00 28.37
CA PHE A 34 0.38 -6.33 27.80
C PHE A 34 0.06 -7.43 28.80
N LEU A 35 -0.54 -8.51 28.32
CA LEU A 35 -0.54 -9.77 29.04
C LEU A 35 0.37 -10.73 28.29
N ASP A 36 1.32 -11.33 29.01
CA ASP A 36 2.20 -12.32 28.42
C ASP A 36 2.64 -13.36 29.44
N ASP A 37 2.59 -14.62 29.03
CA ASP A 37 2.98 -15.73 29.88
C ASP A 37 4.48 -15.78 30.14
N ARG A 38 5.28 -15.07 29.35
CA ARG A 38 6.74 -15.14 29.49
C ARG A 38 7.42 -13.79 29.68
N THR A 39 7.07 -12.81 28.87
CA THR A 39 7.75 -11.53 28.95
C THR A 39 7.42 -10.82 30.26
N GLN A 40 8.40 -10.13 30.83
CA GLN A 40 8.20 -9.41 32.07
C GLN A 40 8.75 -8.02 31.92
N GLY A 41 8.34 -7.10 32.80
CA GLY A 41 8.77 -5.73 32.73
C GLY A 41 7.89 -4.90 31.84
N SER A 42 8.50 -4.18 30.91
CA SER A 42 7.75 -3.43 29.93
C SER A 42 8.32 -3.64 28.53
N VAL A 43 7.44 -3.64 27.54
CA VAL A 43 7.86 -3.87 26.16
C VAL A 43 7.57 -2.63 25.33
N ASN A 44 8.64 -1.99 24.86
CA ASN A 44 8.51 -0.84 24.00
C ASN A 44 7.74 0.28 24.69
N GLY A 45 7.86 0.34 26.02
CA GLY A 45 7.23 1.38 26.82
C GLY A 45 5.94 0.90 27.46
N PHE A 46 5.35 -0.15 26.89
CA PHE A 46 4.10 -0.70 27.38
C PHE A 46 4.37 -1.70 28.49
N PRO A 47 3.77 -1.47 29.66
CA PRO A 47 4.02 -2.38 30.80
C PRO A 47 3.36 -3.73 30.58
N VAL A 48 4.06 -4.80 30.94
CA VAL A 48 3.43 -6.11 31.03
C VAL A 48 2.94 -6.22 32.46
N ILE A 49 1.65 -6.39 32.66
CA ILE A 49 1.11 -6.37 34.02
C ILE A 49 0.94 -7.77 34.57
N GLY A 50 0.97 -8.75 33.69
CA GLY A 50 0.87 -10.13 34.11
C GLY A 50 0.79 -11.07 32.95
N THR A 51 0.29 -12.27 33.21
CA THR A 51 0.17 -13.32 32.23
C THR A 51 -1.27 -13.41 31.73
N THR A 52 -1.52 -14.34 30.82
CA THR A 52 -2.87 -14.51 30.28
C THR A 52 -3.88 -14.95 31.35
N LEU A 53 -3.40 -15.15 32.57
CA LEU A 53 -4.27 -15.60 33.65
C LEU A 53 -5.01 -14.45 34.32
N LEU A 54 -4.46 -13.23 34.22
CA LEU A 54 -5.14 -12.03 34.72
C LEU A 54 -6.51 -11.89 34.09
N LEU A 55 -6.64 -12.38 32.87
CA LEU A 55 -7.90 -12.40 32.15
C LEU A 55 -9.00 -13.09 32.95
N GLU A 56 -8.67 -14.23 33.55
CA GLU A 56 -9.64 -15.04 34.26
C GLU A 56 -9.78 -14.60 35.69
N ASN A 57 -8.70 -14.05 36.25
CA ASN A 57 -8.58 -13.94 37.71
C ASN A 57 -8.59 -12.55 38.31
N SER A 58 -8.43 -11.51 37.50
CA SER A 58 -8.17 -10.19 38.06
C SER A 58 -8.68 -9.00 37.24
N LEU A 59 -8.65 -9.13 35.91
CA LEU A 59 -9.07 -8.03 35.06
C LEU A 59 -10.59 -7.92 35.00
N SER A 60 -11.09 -6.70 35.13
CA SER A 60 -12.51 -6.46 35.03
C SER A 60 -12.90 -6.07 33.61
N PRO A 61 -13.96 -6.72 33.09
CA PRO A 61 -14.58 -6.34 31.81
C PRO A 61 -15.13 -4.91 31.84
N GLU A 62 -15.28 -4.33 33.03
CA GLU A 62 -15.77 -2.95 33.14
C GLU A 62 -14.63 -1.96 33.31
N GLN A 63 -13.40 -2.45 33.24
CA GLN A 63 -12.25 -1.54 33.25
C GLN A 63 -11.38 -1.73 32.00
N PHE A 64 -11.36 -2.95 31.46
CA PHE A 64 -10.43 -3.28 30.39
C PHE A 64 -11.08 -3.75 29.12
N ASP A 65 -10.72 -3.10 28.01
CA ASP A 65 -10.95 -3.68 26.69
C ASP A 65 -9.85 -4.71 26.43
N ILE A 66 -10.19 -5.75 25.70
CA ILE A 66 -9.20 -6.76 25.41
C ILE A 66 -8.95 -6.90 23.92
N THR A 67 -7.70 -7.03 23.55
CA THR A 67 -7.38 -7.47 22.19
C THR A 67 -6.37 -8.61 22.23
N VAL A 68 -6.53 -9.58 21.33
CA VAL A 68 -5.61 -10.73 21.30
C VAL A 68 -4.60 -10.58 20.16
N ALA A 69 -3.40 -10.15 20.52
CA ALA A 69 -2.34 -9.98 19.53
C ALA A 69 -1.48 -11.23 19.34
N VAL A 70 -2.14 -12.36 19.08
CA VAL A 70 -1.42 -13.60 18.84
C VAL A 70 -1.58 -14.02 17.37
N GLY A 71 -0.45 -14.16 16.67
CA GLY A 71 -0.45 -14.46 15.25
C GLY A 71 -1.02 -15.82 14.90
N ASN A 72 -0.84 -16.81 15.76
CA ASN A 72 -1.35 -18.14 15.47
C ASN A 72 -2.87 -18.16 15.51
N ASN A 73 -3.48 -18.34 14.34
CA ASN A 73 -4.92 -18.29 14.22
C ASN A 73 -5.68 -19.15 15.22
N ARG A 74 -5.26 -20.40 15.40
CA ARG A 74 -5.95 -21.29 16.33
C ARG A 74 -5.85 -20.83 17.79
N ILE A 75 -4.67 -20.36 18.19
CA ILE A 75 -4.49 -19.82 19.54
C ILE A 75 -5.23 -18.49 19.71
N ARG A 76 -5.21 -17.66 18.66
CA ARG A 76 -5.98 -16.43 18.72
C ARG A 76 -7.46 -16.77 18.92
N ARG A 77 -7.95 -17.78 18.22
CA ARG A 77 -9.35 -18.17 18.41
C ARG A 77 -9.62 -18.62 19.84
N GLN A 78 -8.68 -19.39 20.37
CA GLN A 78 -8.76 -19.95 21.70
C GLN A 78 -8.95 -18.85 22.75
N ILE A 79 -8.01 -17.92 22.78
CA ILE A 79 -8.00 -16.84 23.76
C ILE A 79 -9.10 -15.81 23.52
N THR A 80 -9.46 -15.59 22.26
CA THR A 80 -10.53 -14.65 21.89
C THR A 80 -11.90 -15.14 22.35
N GLU A 81 -12.21 -16.39 22.02
CA GLU A 81 -13.45 -16.99 22.46
C GLU A 81 -13.51 -16.97 23.99
N ASN A 82 -12.38 -17.32 24.60
CA ASN A 82 -12.25 -17.26 26.06
C ASN A 82 -12.65 -15.89 26.61
N ALA A 83 -11.97 -14.85 26.15
CA ALA A 83 -12.21 -13.48 26.60
C ALA A 83 -13.67 -13.08 26.44
N ALA A 84 -14.25 -13.43 25.28
CA ALA A 84 -15.65 -13.07 24.99
C ALA A 84 -16.62 -13.76 25.95
N ALA A 85 -16.26 -14.97 26.36
CA ALA A 85 -17.12 -15.75 27.24
C ALA A 85 -17.09 -15.19 28.66
N LEU A 86 -16.04 -14.44 28.98
CA LEU A 86 -15.92 -13.80 30.29
C LEU A 86 -16.46 -12.37 30.25
N GLY A 87 -17.14 -12.03 29.17
CA GLY A 87 -17.83 -10.75 29.07
C GLY A 87 -16.94 -9.53 28.83
N PHE A 88 -15.74 -9.74 28.30
CA PHE A 88 -14.91 -8.61 27.93
C PHE A 88 -15.35 -8.09 26.58
N LYS A 89 -15.14 -6.79 26.36
CA LYS A 89 -15.29 -6.25 25.02
C LYS A 89 -13.99 -6.49 24.24
N LEU A 90 -14.14 -6.89 22.99
CA LEU A 90 -13.01 -7.06 22.10
C LEU A 90 -13.17 -6.10 20.90
N PRO A 91 -12.83 -4.82 21.11
CA PRO A 91 -13.07 -3.80 20.09
C PRO A 91 -12.35 -4.12 18.80
N VAL A 92 -13.03 -3.97 17.67
CA VAL A 92 -12.35 -3.96 16.38
C VAL A 92 -11.33 -2.81 16.37
N LEU A 93 -10.05 -3.14 16.22
CA LEU A 93 -9.01 -2.10 16.26
C LEU A 93 -8.57 -1.73 14.84
N ILE A 94 -8.82 -0.48 14.45
CA ILE A 94 -8.49 -0.03 13.11
C ILE A 94 -7.46 1.08 13.16
N HIS A 95 -6.29 0.85 12.58
CA HIS A 95 -5.23 1.87 12.56
C HIS A 95 -5.71 3.20 11.93
N PRO A 96 -5.33 4.35 12.51
CA PRO A 96 -5.69 5.65 11.93
C PRO A 96 -5.32 5.78 10.46
N ASP A 97 -4.30 5.05 10.02
CA ASP A 97 -3.89 5.12 8.62
C ASP A 97 -4.38 3.96 7.81
N ALA A 98 -5.31 3.20 8.34
CA ALA A 98 -6.01 2.22 7.53
C ALA A 98 -7.24 2.90 6.93
N THR A 99 -7.84 2.28 5.92
CA THR A 99 -9.08 2.80 5.36
C THR A 99 -10.08 1.69 5.35
N VAL A 100 -11.12 1.82 6.16
CA VAL A 100 -12.15 0.78 6.24
C VAL A 100 -13.48 1.33 5.77
N SER A 101 -14.09 0.66 4.79
CA SER A 101 -15.36 1.08 4.24
C SER A 101 -16.48 1.13 5.28
N PRO A 102 -17.36 2.14 5.16
CA PRO A 102 -18.47 2.27 6.12
C PRO A 102 -19.49 1.15 5.93
N SER A 103 -19.45 0.47 4.81
CA SER A 103 -20.41 -0.60 4.58
C SER A 103 -19.77 -1.94 4.88
N ALA A 104 -18.52 -1.92 5.35
CA ALA A 104 -17.86 -3.17 5.75
C ALA A 104 -18.41 -3.61 7.11
N ILE A 105 -18.50 -4.91 7.32
CA ILE A 105 -18.87 -5.47 8.61
C ILE A 105 -17.69 -6.26 9.14
N ILE A 106 -17.26 -5.94 10.35
CA ILE A 106 -16.04 -6.53 10.91
C ILE A 106 -16.25 -7.04 12.33
N GLY A 107 -16.06 -8.34 12.52
CA GLY A 107 -16.32 -8.98 13.79
C GLY A 107 -15.35 -8.61 14.88
N GLN A 108 -15.76 -8.83 16.12
CA GLN A 108 -14.97 -8.43 17.29
C GLN A 108 -13.57 -9.03 17.30
N GLY A 109 -12.63 -8.26 17.86
CA GLY A 109 -11.29 -8.74 18.02
C GLY A 109 -10.43 -8.64 16.78
N SER A 110 -11.05 -8.37 15.64
CA SER A 110 -10.27 -8.12 14.43
C SER A 110 -9.34 -6.93 14.56
N VAL A 111 -8.35 -6.89 13.69
CA VAL A 111 -7.29 -5.88 13.73
C VAL A 111 -6.96 -5.48 12.30
N VAL A 112 -7.02 -4.19 12.00
CA VAL A 112 -6.72 -3.69 10.66
C VAL A 112 -5.53 -2.74 10.72
N MET A 113 -4.44 -3.13 10.07
CA MET A 113 -3.15 -2.47 10.31
C MET A 113 -2.95 -1.17 9.51
N ALA A 114 -1.87 -0.46 9.82
CA ALA A 114 -1.48 0.72 9.06
C ALA A 114 -1.53 0.43 7.56
N LYS A 115 -2.08 1.39 6.81
CA LYS A 115 -2.17 1.33 5.35
C LYS A 115 -3.02 0.20 4.77
N ALA A 116 -3.70 -0.57 5.60
CA ALA A 116 -4.56 -1.62 5.07
C ALA A 116 -5.90 -1.02 4.63
N VAL A 117 -6.58 -1.68 3.70
CA VAL A 117 -7.85 -1.19 3.18
C VAL A 117 -8.88 -2.31 3.12
N VAL A 118 -10.09 -2.02 3.58
CA VAL A 118 -11.22 -2.95 3.44
C VAL A 118 -12.34 -2.21 2.74
N GLN A 119 -12.69 -2.69 1.54
CA GLN A 119 -13.64 -1.98 0.69
C GLN A 119 -15.09 -2.39 0.89
N ALA A 120 -15.98 -1.72 0.15
CA ALA A 120 -17.42 -1.83 0.30
C ALA A 120 -17.94 -3.26 0.36
N GLY A 121 -18.85 -3.49 1.29
CA GLY A 121 -19.60 -4.74 1.35
C GLY A 121 -18.83 -5.96 1.81
N SER A 122 -17.57 -5.78 2.19
CA SER A 122 -16.79 -6.87 2.74
C SER A 122 -17.25 -7.25 4.13
N VAL A 123 -17.23 -8.55 4.40
CA VAL A 123 -17.62 -9.08 5.70
C VAL A 123 -16.45 -9.80 6.34
N LEU A 124 -16.04 -9.33 7.51
CA LEU A 124 -14.97 -9.97 8.26
C LEU A 124 -15.54 -10.53 9.55
N LYS A 125 -15.35 -11.83 9.77
CA LYS A 125 -15.80 -12.41 11.03
C LYS A 125 -14.90 -12.01 12.19
N ASP A 126 -14.99 -12.76 13.30
CA ASP A 126 -14.23 -12.45 14.50
C ASP A 126 -12.71 -12.67 14.35
N GLY A 127 -11.95 -11.85 15.08
CA GLY A 127 -10.50 -11.99 15.19
C GLY A 127 -9.70 -12.04 13.90
N VAL A 128 -10.20 -11.43 12.83
CA VAL A 128 -9.45 -11.39 11.59
C VAL A 128 -8.26 -10.45 11.73
N ILE A 129 -7.17 -10.74 11.03
CA ILE A 129 -6.07 -9.79 10.93
C ILE A 129 -5.89 -9.37 9.48
N VAL A 130 -5.95 -8.07 9.23
CA VAL A 130 -5.60 -7.55 7.93
C VAL A 130 -4.32 -6.77 8.19
N ASN A 131 -3.19 -7.37 7.85
CA ASN A 131 -1.90 -6.85 8.30
C ASN A 131 -1.39 -5.69 7.44
N THR A 132 -0.16 -5.24 7.71
CA THR A 132 0.38 -4.02 7.09
C THR A 132 0.15 -3.89 5.58
N ALA A 133 -0.58 -2.84 5.18
CA ALA A 133 -0.79 -2.53 3.76
C ALA A 133 -1.50 -3.64 2.96
N ALA A 134 -2.13 -4.58 3.66
CA ALA A 134 -2.95 -5.58 3.01
C ALA A 134 -4.29 -4.95 2.59
N THR A 135 -4.81 -5.37 1.44
CA THR A 135 -6.10 -4.87 1.01
C THR A 135 -7.12 -5.97 0.74
N VAL A 136 -8.30 -5.80 1.30
CA VAL A 136 -9.41 -6.69 1.08
C VAL A 136 -10.41 -5.94 0.22
N ASP A 137 -10.54 -6.33 -1.04
CA ASP A 137 -11.38 -5.52 -1.91
C ASP A 137 -12.89 -5.73 -1.74
N HIS A 138 -13.67 -5.18 -2.68
CA HIS A 138 -15.11 -5.17 -2.50
C HIS A 138 -15.73 -6.57 -2.47
N ASP A 139 -16.65 -6.78 -1.53
CA ASP A 139 -17.50 -7.96 -1.48
C ASP A 139 -16.79 -9.26 -1.13
N CYS A 140 -15.68 -9.13 -0.40
CA CYS A 140 -14.97 -10.29 0.09
C CYS A 140 -15.61 -10.82 1.36
N LEU A 141 -15.36 -12.09 1.63
CA LEU A 141 -15.77 -12.68 2.90
C LEU A 141 -14.56 -13.33 3.55
N LEU A 142 -14.21 -12.84 4.73
CA LEU A 142 -13.08 -13.38 5.47
C LEU A 142 -13.60 -14.02 6.74
N ASP A 143 -13.51 -15.35 6.81
CA ASP A 143 -14.09 -16.08 7.92
C ASP A 143 -13.28 -15.95 9.22
N ALA A 144 -13.80 -16.53 10.30
CA ALA A 144 -13.22 -16.31 11.62
C ALA A 144 -11.70 -16.60 11.72
N PHE A 145 -11.00 -15.65 12.31
CA PHE A 145 -9.58 -15.81 12.64
C PHE A 145 -8.62 -16.00 11.45
N VAL A 146 -9.07 -15.61 10.26
CA VAL A 146 -8.21 -15.49 9.09
C VAL A 146 -7.13 -14.42 9.32
N HIS A 147 -5.97 -14.63 8.71
CA HIS A 147 -4.90 -13.64 8.77
C HIS A 147 -4.48 -13.29 7.34
N ILE A 148 -4.61 -12.02 6.96
CA ILE A 148 -4.06 -11.56 5.68
C ILE A 148 -2.74 -10.84 5.98
N SER A 149 -1.64 -11.43 5.54
CA SER A 149 -0.30 -10.94 5.87
C SER A 149 0.05 -9.67 5.07
N PRO A 150 1.10 -8.94 5.50
CA PRO A 150 1.48 -7.68 4.87
C PRO A 150 1.53 -7.67 3.34
N GLY A 151 0.91 -6.64 2.77
CA GLY A 151 0.97 -6.42 1.33
C GLY A 151 0.24 -7.44 0.47
N ALA A 152 -0.61 -8.26 1.07
CA ALA A 152 -1.40 -9.20 0.27
C ALA A 152 -2.59 -8.45 -0.28
N HIS A 153 -3.02 -8.83 -1.48
CA HIS A 153 -4.15 -8.14 -2.09
C HIS A 153 -5.20 -9.13 -2.59
N LEU A 154 -6.40 -9.04 -2.02
CA LEU A 154 -7.51 -9.86 -2.48
C LEU A 154 -8.34 -9.07 -3.47
N SER A 155 -8.60 -9.64 -4.65
CA SER A 155 -9.48 -8.97 -5.60
C SER A 155 -10.92 -9.09 -5.11
N GLY A 156 -11.85 -8.47 -5.83
CA GLY A 156 -13.23 -8.43 -5.38
C GLY A 156 -13.84 -9.81 -5.25
N ASN A 157 -14.86 -9.94 -4.39
CA ASN A 157 -15.54 -11.21 -4.17
C ASN A 157 -14.60 -12.38 -3.91
N THR A 158 -13.57 -12.16 -3.10
CA THR A 158 -12.72 -13.26 -2.68
C THR A 158 -13.24 -13.79 -1.35
N ARG A 159 -13.42 -15.11 -1.25
CA ARG A 159 -13.73 -15.70 0.05
C ARG A 159 -12.52 -16.41 0.65
N ILE A 160 -12.28 -16.22 1.95
CA ILE A 160 -11.24 -16.95 2.65
C ILE A 160 -11.84 -17.66 3.84
N GLY A 161 -11.58 -18.97 3.98
CA GLY A 161 -12.19 -19.77 5.03
C GLY A 161 -11.53 -19.64 6.37
N GLU A 162 -12.25 -20.08 7.41
CA GLU A 162 -11.80 -19.99 8.80
C GLU A 162 -10.32 -20.37 9.03
N GLU A 163 -9.63 -19.56 9.81
CA GLU A 163 -8.25 -19.81 10.23
C GLU A 163 -7.20 -19.88 9.10
N SER A 164 -7.64 -19.66 7.87
CA SER A 164 -6.69 -19.66 6.76
C SER A 164 -5.69 -18.51 6.88
N ARG A 165 -4.56 -18.67 6.20
CA ARG A 165 -3.46 -17.74 6.37
C ARG A 165 -3.00 -17.36 4.98
N ILE A 166 -3.09 -16.08 4.63
CA ILE A 166 -2.65 -15.64 3.31
C ILE A 166 -1.37 -14.86 3.51
N GLY A 167 -0.31 -15.26 2.81
CA GLY A 167 1.02 -14.78 3.13
C GLY A 167 1.41 -13.45 2.53
N THR A 168 2.48 -12.88 3.08
CA THR A 168 3.02 -11.60 2.64
C THR A 168 3.13 -11.50 1.13
N GLY A 169 2.58 -10.43 0.56
CA GLY A 169 2.71 -10.19 -0.86
C GLY A 169 1.89 -11.11 -1.75
N ALA A 170 1.03 -11.94 -1.16
CA ALA A 170 0.21 -12.82 -1.99
C ALA A 170 -0.87 -12.01 -2.69
N CYS A 171 -1.61 -12.64 -3.58
CA CYS A 171 -2.75 -11.97 -4.18
C CYS A 171 -3.75 -12.97 -4.70
N SER A 172 -4.92 -12.48 -5.07
CA SER A 172 -5.94 -13.36 -5.62
C SER A 172 -6.65 -12.70 -6.79
N ARG A 173 -7.12 -13.54 -7.70
CA ARG A 173 -7.95 -13.12 -8.80
C ARG A 173 -9.34 -12.91 -8.20
N GLN A 174 -10.20 -12.15 -8.87
CA GLN A 174 -11.54 -11.93 -8.37
C GLN A 174 -12.34 -13.23 -8.41
N GLN A 175 -13.39 -13.31 -7.59
CA GLN A 175 -14.27 -14.48 -7.54
C GLN A 175 -13.56 -15.78 -7.15
N THR A 176 -12.42 -15.69 -6.48
CA THR A 176 -11.72 -16.90 -6.04
C THR A 176 -12.14 -17.31 -4.61
N THR A 177 -12.10 -18.61 -4.34
CA THR A 177 -12.54 -19.14 -3.06
C THR A 177 -11.45 -19.98 -2.38
N VAL A 178 -11.06 -19.58 -1.19
CA VAL A 178 -10.07 -20.31 -0.41
C VAL A 178 -10.77 -20.93 0.79
N GLY A 179 -10.50 -22.22 1.03
CA GLY A 179 -11.15 -22.92 2.13
C GLY A 179 -10.54 -22.58 3.48
N SER A 180 -10.90 -23.35 4.50
CA SER A 180 -10.38 -23.18 5.85
C SER A 180 -9.03 -23.88 6.03
N GLY A 181 -8.35 -23.55 7.13
CA GLY A 181 -7.00 -24.06 7.39
C GLY A 181 -6.02 -24.06 6.23
N VAL A 182 -6.24 -23.20 5.24
CA VAL A 182 -5.34 -23.08 4.09
C VAL A 182 -4.14 -22.20 4.44
N THR A 183 -3.02 -22.42 3.76
CA THR A 183 -1.84 -21.56 3.90
C THR A 183 -1.34 -21.18 2.52
N ALA A 184 -1.52 -19.92 2.14
CA ALA A 184 -0.94 -19.43 0.92
C ALA A 184 0.37 -18.81 1.33
N GLY A 185 1.45 -19.19 0.68
CA GLY A 185 2.76 -18.65 1.04
C GLY A 185 2.95 -17.21 0.64
N ALA A 186 3.99 -16.59 1.16
CA ALA A 186 4.41 -15.30 0.66
C ALA A 186 4.44 -15.33 -0.88
N GLY A 187 3.92 -14.30 -1.53
CA GLY A 187 4.01 -14.17 -2.97
C GLY A 187 3.03 -15.01 -3.77
N ALA A 188 2.25 -15.85 -3.11
CA ALA A 188 1.33 -16.75 -3.82
C ALA A 188 0.32 -16.00 -4.68
N VAL A 189 0.22 -16.38 -5.94
CA VAL A 189 -0.76 -15.79 -6.87
C VAL A 189 -1.94 -16.74 -7.06
N ILE A 190 -3.01 -16.49 -6.30
CA ILE A 190 -4.12 -17.42 -6.24
C ILE A 190 -5.12 -17.21 -7.37
N VAL A 191 -4.96 -17.95 -8.47
CA VAL A 191 -5.84 -17.78 -9.62
C VAL A 191 -6.92 -18.85 -9.75
N CYS A 192 -7.11 -19.66 -8.71
CA CYS A 192 -8.17 -20.67 -8.72
C CYS A 192 -8.49 -21.13 -7.30
N ASP A 193 -9.71 -21.61 -7.10
CA ASP A 193 -10.15 -22.03 -5.77
C ASP A 193 -9.17 -22.98 -5.09
N ILE A 194 -9.08 -22.87 -3.77
CA ILE A 194 -8.15 -23.68 -2.99
C ILE A 194 -8.92 -24.44 -1.91
N PRO A 195 -8.90 -25.78 -2.00
CA PRO A 195 -9.59 -26.69 -1.08
C PRO A 195 -9.06 -26.55 0.34
N ASP A 196 -9.83 -27.01 1.33
CA ASP A 196 -9.45 -26.89 2.73
C ASP A 196 -8.06 -27.50 3.04
N GLY A 197 -7.45 -27.06 4.14
CA GLY A 197 -6.20 -27.63 4.63
C GLY A 197 -4.95 -27.54 3.76
N MET A 198 -5.10 -27.20 2.48
CA MET A 198 -3.96 -27.21 1.56
C MET A 198 -2.93 -26.11 1.86
N THR A 199 -1.71 -26.34 1.40
CA THR A 199 -0.64 -25.35 1.50
C THR A 199 -0.11 -25.12 0.11
N VAL A 200 -0.31 -23.91 -0.39
CA VAL A 200 0.04 -23.59 -1.77
C VAL A 200 1.06 -22.46 -1.81
N ALA A 201 1.69 -22.30 -2.96
CA ALA A 201 2.67 -21.24 -3.15
C ALA A 201 2.97 -21.12 -4.64
N GLY A 202 3.83 -20.17 -5.01
CA GLY A 202 4.20 -19.98 -6.39
C GLY A 202 3.20 -19.20 -7.23
N ASN A 203 3.60 -18.97 -8.48
CA ASN A 203 2.86 -18.16 -9.45
C ASN A 203 2.66 -19.00 -10.74
N PRO A 204 1.45 -19.59 -10.91
CA PRO A 204 0.28 -19.50 -10.03
C PRO A 204 0.40 -20.36 -8.80
N ALA A 205 -0.46 -20.11 -7.83
CA ALA A 205 -0.45 -20.82 -6.56
C ALA A 205 -0.81 -22.30 -6.74
N LYS A 206 0.12 -23.16 -6.31
CA LYS A 206 -0.07 -24.62 -6.42
C LYS A 206 0.50 -25.32 -5.20
N PRO A 207 -0.09 -26.46 -4.82
CA PRO A 207 0.32 -27.17 -3.60
C PRO A 207 1.82 -27.37 -3.52
N LEU A 208 2.43 -26.99 -2.40
CA LEU A 208 3.84 -27.27 -2.18
C LEU A 208 4.02 -28.74 -1.88
N GLY B 3 -19.52 24.74 -8.58
CA GLY B 3 -19.53 23.45 -9.25
C GLY B 3 -20.79 22.66 -8.94
N ASN B 4 -21.04 21.62 -9.72
CA ASN B 4 -22.22 20.77 -9.51
C ASN B 4 -22.27 20.13 -8.13
N ARG B 5 -23.46 20.09 -7.54
CA ARG B 5 -23.65 19.57 -6.20
C ARG B 5 -24.05 18.10 -6.25
N LYS B 6 -24.45 17.62 -7.41
CA LYS B 6 -24.94 16.25 -7.53
C LYS B 6 -24.02 15.41 -8.40
N LEU B 7 -23.90 14.13 -8.05
CA LEU B 7 -23.07 13.22 -8.83
C LEU B 7 -23.85 11.98 -9.21
N ALA B 8 -23.76 11.59 -10.49
CA ALA B 8 -24.34 10.32 -10.93
C ALA B 8 -23.23 9.37 -11.28
N VAL B 9 -23.30 8.19 -10.68
CA VAL B 9 -22.33 7.14 -10.91
C VAL B 9 -22.97 6.07 -11.78
N ILE B 10 -22.43 5.89 -12.99
CA ILE B 10 -22.95 4.91 -13.92
C ILE B 10 -22.32 3.54 -13.66
N GLY B 11 -23.14 2.58 -13.25
CA GLY B 11 -22.69 1.24 -12.95
C GLY B 11 -22.80 0.99 -11.47
N ALA B 12 -23.75 0.17 -11.06
CA ALA B 12 -23.97 -0.06 -9.63
C ALA B 12 -23.41 -1.39 -9.16
N GLY B 13 -22.46 -1.94 -9.91
CA GLY B 13 -21.79 -3.16 -9.48
C GLY B 13 -20.87 -2.93 -8.28
N GLY B 14 -20.00 -3.90 -8.01
CA GLY B 14 -19.07 -3.81 -6.89
C GLY B 14 -18.12 -2.64 -7.02
N HIS B 15 -17.60 -2.45 -8.22
CA HIS B 15 -16.74 -1.31 -8.54
C HIS B 15 -17.50 -0.01 -8.30
N GLY B 16 -18.76 -0.03 -8.71
CA GLY B 16 -19.59 1.15 -8.62
C GLY B 16 -19.87 1.50 -7.18
N LYS B 17 -19.90 0.48 -6.33
CA LYS B 17 -20.12 0.70 -4.92
C LYS B 17 -18.89 1.38 -4.30
N VAL B 18 -17.72 0.94 -4.70
CA VAL B 18 -16.46 1.50 -4.22
C VAL B 18 -16.35 2.96 -4.66
N VAL B 19 -16.62 3.21 -5.94
CA VAL B 19 -16.57 4.56 -6.49
C VAL B 19 -17.56 5.46 -5.77
N ALA B 20 -18.77 4.97 -5.53
CA ALA B 20 -19.77 5.78 -4.86
C ALA B 20 -19.28 6.12 -3.43
N GLU B 21 -18.69 5.13 -2.77
CA GLU B 21 -18.13 5.38 -1.46
C GLU B 21 -16.94 6.34 -1.53
N LEU B 22 -16.18 6.29 -2.62
CA LEU B 22 -15.07 7.21 -2.80
C LEU B 22 -15.59 8.62 -2.85
N ALA B 23 -16.61 8.81 -3.67
CA ALA B 23 -17.23 10.10 -3.88
C ALA B 23 -17.83 10.64 -2.59
N ALA B 24 -18.46 9.76 -1.82
CA ALA B 24 -19.01 10.14 -0.52
C ALA B 24 -17.88 10.53 0.42
N ALA B 25 -16.76 9.82 0.34
CA ALA B 25 -15.62 10.12 1.20
C ALA B 25 -15.10 11.54 0.93
N LEU B 26 -15.31 12.03 -0.28
CA LEU B 26 -14.89 13.37 -0.63
C LEU B 26 -15.67 14.44 0.14
N GLY B 27 -16.91 14.13 0.49
CA GLY B 27 -17.72 15.02 1.31
C GLY B 27 -18.16 16.31 0.64
N THR B 28 -18.17 16.33 -0.69
CA THR B 28 -18.41 17.59 -1.41
C THR B 28 -19.65 17.59 -2.28
N TYR B 29 -20.43 16.51 -2.23
CA TYR B 29 -21.65 16.44 -3.01
C TYR B 29 -22.83 16.41 -2.04
N GLY B 30 -23.98 16.89 -2.49
CA GLY B 30 -25.18 16.86 -1.67
C GLY B 30 -25.90 15.55 -1.88
N GLU B 31 -25.76 15.01 -3.08
CA GLU B 31 -26.35 13.73 -3.36
C GLU B 31 -25.56 13.00 -4.42
N ILE B 32 -25.40 11.69 -4.20
CA ILE B 32 -24.70 10.80 -5.12
C ILE B 32 -25.67 9.70 -5.46
N VAL B 33 -25.88 9.48 -6.76
CA VAL B 33 -26.88 8.52 -7.21
C VAL B 33 -26.32 7.56 -8.24
N PHE B 34 -27.00 6.43 -8.39
CA PHE B 34 -26.62 5.41 -9.36
C PHE B 34 -27.51 5.39 -10.60
N LEU B 35 -26.87 5.27 -11.77
CA LEU B 35 -27.57 4.86 -12.98
C LEU B 35 -27.21 3.39 -13.24
N ASP B 36 -28.21 2.52 -13.27
CA ASP B 36 -27.95 1.11 -13.54
C ASP B 36 -29.05 0.51 -14.40
N ASP B 37 -28.66 -0.19 -15.46
CA ASP B 37 -29.62 -0.76 -16.40
C ASP B 37 -30.35 -1.95 -15.80
N ARG B 38 -29.82 -2.48 -14.71
CA ARG B 38 -30.42 -3.62 -14.07
C ARG B 38 -31.14 -3.19 -12.80
N THR B 39 -30.38 -3.10 -11.73
CA THR B 39 -30.93 -2.94 -10.38
C THR B 39 -31.84 -1.73 -10.22
N GLN B 40 -32.70 -1.79 -9.21
CA GLN B 40 -33.66 -0.73 -8.93
C GLN B 40 -33.76 -0.51 -7.41
N GLY B 41 -34.03 0.73 -7.01
CA GLY B 41 -34.15 1.06 -5.61
C GLY B 41 -32.93 1.80 -5.11
N SER B 42 -32.32 1.29 -4.03
CA SER B 42 -31.04 1.81 -3.60
C SER B 42 -29.99 0.70 -3.48
N VAL B 43 -28.75 1.06 -3.74
CA VAL B 43 -27.62 0.14 -3.59
C VAL B 43 -26.63 0.74 -2.61
N ASN B 44 -26.51 0.11 -1.44
CA ASN B 44 -25.53 0.53 -0.44
C ASN B 44 -25.86 1.93 0.07
N GLY B 45 -27.15 2.21 0.20
CA GLY B 45 -27.62 3.49 0.69
C GLY B 45 -27.71 4.57 -0.38
N PHE B 46 -27.14 4.30 -1.55
CA PHE B 46 -27.20 5.26 -2.65
C PHE B 46 -28.39 4.93 -3.54
N PRO B 47 -29.19 5.94 -3.87
CA PRO B 47 -30.37 5.65 -4.67
C PRO B 47 -30.03 5.43 -6.15
N VAL B 48 -30.62 4.39 -6.74
CA VAL B 48 -30.64 4.22 -8.19
C VAL B 48 -31.82 5.00 -8.71
N ILE B 49 -31.59 5.91 -9.64
CA ILE B 49 -32.67 6.78 -10.12
C ILE B 49 -33.07 6.51 -11.57
N GLY B 50 -32.48 5.49 -12.16
CA GLY B 50 -32.81 5.12 -13.52
C GLY B 50 -31.66 4.41 -14.21
N THR B 51 -31.70 4.43 -15.53
CA THR B 51 -30.72 3.74 -16.34
C THR B 51 -29.86 4.74 -17.06
N THR B 52 -28.86 4.23 -17.78
CA THR B 52 -27.96 5.08 -18.56
C THR B 52 -28.72 5.93 -19.59
N LEU B 53 -30.00 5.63 -19.77
CA LEU B 53 -30.84 6.37 -20.70
C LEU B 53 -31.15 7.78 -20.20
N LEU B 54 -31.08 7.98 -18.89
CA LEU B 54 -31.36 9.31 -18.35
C LEU B 54 -30.27 10.28 -18.80
N LEU B 55 -29.19 9.75 -19.35
CA LEU B 55 -28.12 10.57 -19.91
C LEU B 55 -28.65 11.50 -20.98
N ASN B 57 -31.26 12.96 -22.55
CA ASN B 57 -32.59 12.85 -21.94
C ASN B 57 -32.84 13.75 -20.71
N SER B 58 -33.07 13.11 -19.57
CA SER B 58 -33.53 13.77 -18.36
C SER B 58 -32.47 14.59 -17.62
N LEU B 59 -31.22 14.16 -17.69
CA LEU B 59 -30.16 14.70 -16.84
C LEU B 59 -29.47 15.94 -17.41
N SER B 60 -29.36 16.98 -16.58
CA SER B 60 -28.71 18.21 -16.98
C SER B 60 -27.26 18.27 -16.53
N PRO B 61 -26.34 18.44 -17.49
CA PRO B 61 -24.93 18.69 -17.18
C PRO B 61 -24.74 19.92 -16.28
N GLU B 62 -25.79 20.68 -16.05
CA GLU B 62 -25.73 21.85 -15.19
C GLU B 62 -26.10 21.49 -13.75
N GLN B 63 -26.46 20.22 -13.54
CA GLN B 63 -26.86 19.78 -12.22
C GLN B 63 -26.02 18.58 -11.71
N PHE B 64 -25.68 17.66 -12.61
CA PHE B 64 -24.98 16.43 -12.24
C PHE B 64 -23.59 16.30 -12.87
N ASP B 65 -22.57 16.06 -12.04
CA ASP B 65 -21.33 15.49 -12.57
C ASP B 65 -21.56 14.01 -12.86
N ILE B 66 -20.74 13.45 -13.72
CA ILE B 66 -20.89 12.05 -14.11
C ILE B 66 -19.60 11.30 -13.87
N THR B 67 -19.71 10.05 -13.40
CA THR B 67 -18.56 9.14 -13.45
C THR B 67 -19.00 7.75 -13.93
N VAL B 68 -18.13 7.10 -14.69
CA VAL B 68 -18.47 5.80 -15.26
C VAL B 68 -17.76 4.68 -14.49
N ALA B 69 -18.46 4.14 -13.49
CA ALA B 69 -17.90 3.07 -12.66
C ALA B 69 -18.16 1.71 -13.28
N VAL B 70 -17.55 1.48 -14.44
CA VAL B 70 -17.64 0.20 -15.11
C VAL B 70 -16.22 -0.34 -15.22
N GLY B 71 -16.03 -1.58 -14.77
CA GLY B 71 -14.72 -2.21 -14.82
C GLY B 71 -14.20 -2.42 -16.22
N ASN B 72 -15.09 -2.86 -17.12
CA ASN B 72 -14.70 -3.19 -18.48
C ASN B 72 -14.18 -1.97 -19.23
N ASN B 73 -12.94 -2.07 -19.71
CA ASN B 73 -12.31 -0.95 -20.39
C ASN B 73 -13.03 -0.51 -21.66
N ARG B 74 -13.44 -1.47 -22.47
CA ARG B 74 -14.22 -1.18 -23.67
C ARG B 74 -15.52 -0.44 -23.32
N ILE B 75 -16.29 -0.99 -22.39
CA ILE B 75 -17.59 -0.41 -22.07
C ILE B 75 -17.51 0.94 -21.35
N ARG B 76 -16.55 1.08 -20.45
CA ARG B 76 -16.32 2.36 -19.79
C ARG B 76 -15.92 3.39 -20.82
N ARG B 77 -15.21 2.96 -21.86
CA ARG B 77 -14.83 3.86 -22.94
C ARG B 77 -16.04 4.37 -23.70
N GLN B 78 -16.92 3.46 -24.07
CA GLN B 78 -18.15 3.83 -24.76
C GLN B 78 -18.95 4.87 -23.98
N ILE B 79 -19.39 4.52 -22.77
CA ILE B 79 -20.21 5.40 -21.95
C ILE B 79 -19.53 6.75 -21.64
N THR B 80 -18.22 6.74 -21.46
CA THR B 80 -17.48 7.94 -21.11
C THR B 80 -17.53 8.97 -22.25
N GLU B 81 -17.18 8.53 -23.46
CA GLU B 81 -17.23 9.38 -24.64
C GLU B 81 -18.65 9.91 -24.87
N ASN B 82 -19.63 9.00 -24.73
CA ASN B 82 -21.04 9.34 -24.76
C ASN B 82 -21.36 10.54 -23.87
N ALA B 83 -21.14 10.39 -22.57
CA ALA B 83 -21.44 11.46 -21.61
C ALA B 83 -20.65 12.72 -21.90
N ALA B 84 -19.42 12.56 -22.37
CA ALA B 84 -18.57 13.69 -22.72
C ALA B 84 -19.21 14.46 -23.87
N ALA B 85 -19.62 13.72 -24.90
CA ALA B 85 -20.28 14.30 -26.06
C ALA B 85 -21.58 15.00 -25.70
N LEU B 86 -22.30 14.44 -24.74
CA LEU B 86 -23.51 15.08 -24.20
C LEU B 86 -23.18 16.30 -23.34
N GLY B 87 -21.88 16.60 -23.18
CA GLY B 87 -21.46 17.79 -22.48
C GLY B 87 -21.46 17.70 -20.97
N PHE B 88 -21.26 16.49 -20.45
CA PHE B 88 -21.20 16.30 -19.00
C PHE B 88 -19.78 16.47 -18.49
N LYS B 89 -19.65 17.07 -17.31
CA LYS B 89 -18.36 17.07 -16.61
C LYS B 89 -18.11 15.71 -15.96
N LEU B 90 -17.02 15.09 -16.35
CA LEU B 90 -16.58 13.84 -15.78
C LEU B 90 -15.36 14.12 -14.91
N PRO B 91 -15.59 14.49 -13.65
CA PRO B 91 -14.51 14.87 -12.73
C PRO B 91 -13.53 13.73 -12.49
N VAL B 92 -12.27 14.08 -12.24
CA VAL B 92 -11.31 13.09 -11.76
C VAL B 92 -11.57 12.87 -10.28
N LEU B 93 -11.93 11.62 -9.94
CA LEU B 93 -12.26 11.30 -8.56
C LEU B 93 -11.07 10.65 -7.87
N ILE B 94 -10.49 11.37 -6.92
CA ILE B 94 -9.33 10.93 -6.18
C ILE B 94 -9.72 10.67 -4.74
N HIS B 95 -9.51 9.45 -4.27
CA HIS B 95 -9.87 9.13 -2.90
C HIS B 95 -9.02 9.98 -1.96
N PRO B 96 -9.63 10.46 -0.86
CA PRO B 96 -8.91 11.22 0.16
C PRO B 96 -7.66 10.49 0.68
N ASP B 97 -7.74 9.16 0.79
CA ASP B 97 -6.63 8.36 1.29
C ASP B 97 -5.70 7.90 0.19
N ALA B 98 -5.83 8.52 -0.98
CA ALA B 98 -4.87 8.28 -2.06
C ALA B 98 -3.92 9.46 -2.10
N THR B 99 -2.73 9.25 -2.68
CA THR B 99 -1.77 10.33 -2.80
C THR B 99 -1.42 10.56 -4.26
N VAL B 100 -1.82 11.72 -4.76
CA VAL B 100 -1.55 12.07 -6.15
C VAL B 100 -0.55 13.22 -6.20
N SER B 101 0.55 13.05 -6.93
CA SER B 101 1.53 14.12 -7.08
C SER B 101 0.86 15.36 -7.63
N PRO B 102 1.32 16.55 -7.21
CA PRO B 102 0.77 17.79 -7.79
C PRO B 102 1.28 18.04 -9.20
N SER B 103 2.25 17.27 -9.65
CA SER B 103 2.79 17.41 -10.99
C SER B 103 2.27 16.28 -11.88
N ALA B 104 1.41 15.44 -11.33
CA ALA B 104 0.78 14.41 -12.14
C ALA B 104 -0.32 15.07 -12.97
N ILE B 105 -0.59 14.50 -14.14
CA ILE B 105 -1.65 14.98 -15.02
C ILE B 105 -2.63 13.83 -15.23
N ILE B 106 -3.91 14.09 -14.97
CA ILE B 106 -4.88 13.00 -14.97
C ILE B 106 -6.13 13.34 -15.79
N GLY B 107 -6.46 12.48 -16.75
CA GLY B 107 -7.59 12.75 -17.62
C GLY B 107 -8.94 12.63 -16.94
N GLN B 108 -9.92 13.36 -17.48
CA GLN B 108 -11.29 13.32 -16.97
C GLN B 108 -11.79 11.89 -16.87
N GLY B 109 -12.72 11.64 -15.96
CA GLY B 109 -13.30 10.32 -15.81
C GLY B 109 -12.45 9.31 -15.06
N SER B 110 -11.18 9.64 -14.84
CA SER B 110 -10.27 8.75 -14.11
C SER B 110 -10.63 8.66 -12.62
N VAL B 111 -10.41 7.47 -12.06
CA VAL B 111 -10.68 7.20 -10.66
C VAL B 111 -9.42 6.68 -9.98
N VAL B 112 -9.02 7.34 -8.90
CA VAL B 112 -7.84 6.95 -8.13
C VAL B 112 -8.28 6.51 -6.75
N MET B 113 -8.23 5.20 -6.50
CA MET B 113 -8.83 4.59 -5.32
C MET B 113 -8.04 4.81 -4.02
N ALA B 114 -8.61 4.40 -2.88
CA ALA B 114 -7.94 4.52 -1.59
C ALA B 114 -6.55 3.88 -1.60
N LYS B 115 -5.60 4.55 -0.94
CA LYS B 115 -4.24 4.06 -0.82
C LYS B 115 -3.48 3.95 -2.14
N ALA B 116 -4.09 4.35 -3.26
CA ALA B 116 -3.38 4.37 -4.54
C ALA B 116 -2.42 5.55 -4.58
N VAL B 117 -1.29 5.41 -5.27
CA VAL B 117 -0.33 6.51 -5.39
C VAL B 117 0.02 6.81 -6.83
N VAL B 118 -0.02 8.09 -7.19
CA VAL B 118 0.46 8.52 -8.50
C VAL B 118 1.59 9.55 -8.30
N GLN B 119 2.79 9.20 -8.75
CA GLN B 119 3.98 10.00 -8.47
C GLN B 119 4.29 11.05 -9.53
N ALA B 120 5.32 11.85 -9.27
CA ALA B 120 5.65 13.04 -10.08
C ALA B 120 5.76 12.74 -11.56
N GLY B 121 5.23 13.66 -12.36
CA GLY B 121 5.41 13.61 -13.80
C GLY B 121 4.77 12.42 -14.50
N SER B 122 3.84 11.75 -13.82
CA SER B 122 3.10 10.67 -14.45
C SER B 122 1.97 11.27 -15.25
N VAL B 123 1.69 10.70 -16.42
CA VAL B 123 0.57 11.18 -17.23
C VAL B 123 -0.50 10.11 -17.40
N LEU B 124 -1.73 10.46 -17.04
CA LEU B 124 -2.86 9.57 -17.18
C LEU B 124 -3.88 10.19 -18.13
N LYS B 125 -4.25 9.43 -19.15
CA LYS B 125 -5.26 9.91 -20.08
C LYS B 125 -6.66 9.80 -19.48
N ASP B 126 -7.67 9.74 -20.35
CA ASP B 126 -9.05 9.70 -19.89
C ASP B 126 -9.43 8.33 -19.32
N GLY B 127 -10.34 8.35 -18.34
CA GLY B 127 -10.97 7.15 -17.82
C GLY B 127 -10.06 6.11 -17.20
N VAL B 128 -8.85 6.48 -16.79
CA VAL B 128 -7.95 5.54 -16.15
C VAL B 128 -8.53 5.10 -14.80
N ILE B 129 -8.36 3.81 -14.48
CA ILE B 129 -8.58 3.33 -13.12
C ILE B 129 -7.25 2.93 -12.50
N VAL B 130 -6.84 3.65 -11.47
CA VAL B 130 -5.75 3.19 -10.61
C VAL B 130 -6.44 2.64 -9.36
N ASN B 131 -6.47 1.32 -9.21
CA ASN B 131 -7.30 0.72 -8.18
C ASN B 131 -6.65 0.65 -6.80
N THR B 132 -7.33 0.00 -5.86
CA THR B 132 -6.95 -0.04 -4.46
C THR B 132 -5.45 -0.27 -4.25
N ALA B 133 -4.80 0.64 -3.54
CA ALA B 133 -3.36 0.56 -3.27
C ALA B 133 -2.44 0.25 -4.47
N ALA B 134 -2.91 0.49 -5.68
CA ALA B 134 -2.05 0.36 -6.85
C ALA B 134 -1.15 1.58 -6.93
N THR B 135 0.10 1.40 -7.36
CA THR B 135 0.98 2.55 -7.47
C THR B 135 1.57 2.75 -8.87
N VAL B 136 1.66 4.02 -9.25
CA VAL B 136 2.14 4.42 -10.55
C VAL B 136 3.27 5.38 -10.23
N ASP B 137 4.50 4.99 -10.53
CA ASP B 137 5.61 5.81 -10.09
C ASP B 137 5.96 6.94 -11.03
N HIS B 138 7.07 7.64 -10.72
CA HIS B 138 7.43 8.83 -11.46
C HIS B 138 7.51 8.62 -12.96
N ASP B 139 6.95 9.56 -13.71
CA ASP B 139 7.09 9.62 -15.15
C ASP B 139 6.53 8.41 -15.88
N CYS B 140 5.40 7.89 -15.39
CA CYS B 140 4.71 6.81 -16.08
C CYS B 140 3.69 7.38 -17.04
N LEU B 141 3.33 6.60 -18.06
CA LEU B 141 2.29 7.01 -19.00
C LEU B 141 1.22 5.95 -19.09
N LEU B 142 0.02 6.30 -18.67
CA LEU B 142 -1.09 5.38 -18.78
C LEU B 142 -2.08 5.96 -19.79
N ASP B 143 -2.24 5.26 -20.92
CA ASP B 143 -3.11 5.75 -21.98
C ASP B 143 -4.57 5.52 -21.65
N ALA B 144 -5.46 6.05 -22.48
CA ALA B 144 -6.89 6.08 -22.17
C ALA B 144 -7.47 4.72 -21.74
N PHE B 145 -8.25 4.76 -20.67
CA PHE B 145 -9.03 3.60 -20.21
C PHE B 145 -8.22 2.38 -19.80
N VAL B 146 -6.99 2.64 -19.36
CA VAL B 146 -6.20 1.64 -18.67
C VAL B 146 -6.84 1.37 -17.30
N HIS B 147 -6.80 0.12 -16.88
CA HIS B 147 -7.18 -0.22 -15.52
C HIS B 147 -5.97 -0.83 -14.82
N ILE B 148 -5.41 -0.13 -13.84
CA ILE B 148 -4.44 -0.73 -12.94
C ILE B 148 -5.16 -1.31 -11.71
N SER B 149 -5.06 -2.63 -11.55
CA SER B 149 -5.83 -3.35 -10.54
C SER B 149 -5.20 -3.23 -9.15
N PRO B 150 -5.95 -3.62 -8.10
CA PRO B 150 -5.46 -3.50 -6.72
C PRO B 150 -4.01 -3.95 -6.50
N GLY B 151 -3.23 -3.08 -5.86
CA GLY B 151 -1.90 -3.47 -5.40
C GLY B 151 -0.88 -3.76 -6.50
N ALA B 152 -1.19 -3.38 -7.74
CA ALA B 152 -0.17 -3.50 -8.77
C ALA B 152 0.78 -2.33 -8.62
N HIS B 153 2.05 -2.53 -8.98
CA HIS B 153 3.06 -1.49 -8.78
C HIS B 153 3.90 -1.26 -10.02
N LEU B 154 3.82 -0.05 -10.58
CA LEU B 154 4.60 0.30 -11.75
C LEU B 154 5.84 1.08 -11.34
N SER B 155 7.01 0.62 -11.78
CA SER B 155 8.24 1.35 -11.49
C SER B 155 8.29 2.60 -12.36
N GLY B 156 9.33 3.41 -12.18
CA GLY B 156 9.47 4.64 -12.95
C GLY B 156 9.50 4.42 -14.44
N ASN B 157 8.99 5.39 -15.20
CA ASN B 157 9.01 5.35 -16.66
C ASN B 157 8.43 4.06 -17.24
N THR B 158 7.27 3.69 -16.72
CA THR B 158 6.49 2.60 -17.27
C THR B 158 5.35 3.16 -18.13
N ARG B 159 5.24 2.65 -19.36
CA ARG B 159 4.13 3.04 -20.22
C ARG B 159 3.18 1.86 -20.39
N ILE B 160 1.89 2.16 -20.33
CA ILE B 160 0.85 1.14 -20.53
C ILE B 160 -0.12 1.65 -21.58
N GLY B 161 -0.35 0.83 -22.61
CA GLY B 161 -1.14 1.26 -23.75
C GLY B 161 -2.64 1.28 -23.54
N GLU B 162 -3.31 2.08 -24.35
CA GLU B 162 -4.76 2.24 -24.34
C GLU B 162 -5.56 0.98 -23.99
N GLU B 163 -6.50 1.13 -23.06
CA GLU B 163 -7.43 0.05 -22.68
C GLU B 163 -6.81 -1.20 -22.07
N SER B 164 -5.50 -1.20 -21.84
CA SER B 164 -4.85 -2.35 -21.21
C SER B 164 -5.32 -2.55 -19.77
N ARG B 165 -5.17 -3.77 -19.28
CA ARG B 165 -5.64 -4.15 -17.95
C ARG B 165 -4.49 -4.86 -17.24
N ILE B 166 -3.96 -4.22 -16.20
CA ILE B 166 -2.90 -4.81 -15.40
C ILE B 166 -3.47 -5.39 -14.12
N GLY B 167 -3.25 -6.68 -13.90
CA GLY B 167 -3.90 -7.42 -12.83
C GLY B 167 -3.42 -7.15 -11.40
N THR B 168 -4.26 -7.59 -10.45
CA THR B 168 -3.98 -7.44 -9.03
C THR B 168 -2.59 -7.91 -8.62
N GLY B 169 -1.84 -7.05 -7.95
CA GLY B 169 -0.55 -7.43 -7.42
C GLY B 169 0.48 -7.72 -8.49
N ALA B 170 0.25 -7.21 -9.69
CA ALA B 170 1.27 -7.32 -10.73
C ALA B 170 2.32 -6.25 -10.48
N CYS B 171 3.48 -6.35 -11.13
CA CYS B 171 4.45 -5.28 -11.02
C CYS B 171 5.21 -5.07 -12.33
N SER B 172 6.05 -4.05 -12.38
CA SER B 172 6.83 -3.79 -13.58
C SER B 172 8.20 -3.25 -13.21
N ARG B 173 9.19 -3.65 -13.98
CA ARG B 173 10.53 -3.09 -13.88
C ARG B 173 10.44 -1.71 -14.50
N GLN B 174 11.35 -0.81 -14.15
CA GLN B 174 11.29 0.54 -14.73
C GLN B 174 11.56 0.49 -16.22
N GLN B 175 11.26 1.59 -16.92
CA GLN B 175 11.52 1.71 -18.34
C GLN B 175 10.98 0.53 -19.17
N THR B 176 9.89 -0.08 -18.71
CA THR B 176 9.23 -1.09 -19.53
C THR B 176 7.99 -0.50 -20.17
N THR B 177 7.56 -1.13 -21.26
CA THR B 177 6.47 -0.61 -22.07
C THR B 177 5.48 -1.74 -22.35
N VAL B 178 4.20 -1.44 -22.17
CA VAL B 178 3.13 -2.40 -22.40
C VAL B 178 2.25 -1.85 -23.49
N GLY B 179 1.99 -2.68 -24.51
CA GLY B 179 1.14 -2.27 -25.61
C GLY B 179 -0.31 -2.03 -25.20
N SER B 180 -1.12 -1.60 -26.17
CA SER B 180 -2.54 -1.39 -25.94
C SER B 180 -3.27 -2.72 -25.93
N GLY B 181 -4.47 -2.74 -25.37
CA GLY B 181 -5.26 -3.95 -25.28
C GLY B 181 -4.56 -5.17 -24.69
N VAL B 182 -3.60 -4.93 -23.81
CA VAL B 182 -2.88 -6.03 -23.15
C VAL B 182 -3.63 -6.45 -21.90
N THR B 183 -3.53 -7.73 -21.54
CA THR B 183 -4.02 -8.21 -20.26
C THR B 183 -2.85 -8.81 -19.48
N ALA B 184 -2.50 -8.20 -18.35
CA ALA B 184 -1.58 -8.80 -17.42
C ALA B 184 -2.42 -9.43 -16.33
N GLY B 185 -2.18 -10.70 -16.04
CA GLY B 185 -2.91 -11.37 -14.98
C GLY B 185 -2.42 -10.94 -13.62
N ALA B 186 -3.09 -11.41 -12.58
CA ALA B 186 -2.68 -11.11 -11.22
C ALA B 186 -1.28 -11.66 -10.99
N GLY B 187 -0.47 -10.91 -10.24
CA GLY B 187 0.87 -11.35 -9.88
C GLY B 187 1.90 -11.26 -10.99
N ALA B 188 1.48 -10.78 -12.15
CA ALA B 188 2.35 -10.72 -13.31
C ALA B 188 3.55 -9.81 -13.06
N VAL B 189 4.74 -10.34 -13.25
CA VAL B 189 5.97 -9.58 -13.06
C VAL B 189 6.52 -9.17 -14.41
N ILE B 190 6.19 -7.96 -14.85
CA ILE B 190 6.54 -7.49 -16.18
C ILE B 190 7.96 -6.92 -16.27
N VAL B 191 8.88 -7.72 -16.79
CA VAL B 191 10.28 -7.32 -16.84
C VAL B 191 10.81 -7.09 -18.26
N CYS B 192 9.90 -7.11 -19.23
CA CYS B 192 10.25 -6.77 -20.61
C CYS B 192 8.99 -6.26 -21.31
N ASP B 193 9.16 -5.63 -22.48
CA ASP B 193 8.02 -5.00 -23.15
C ASP B 193 6.92 -5.99 -23.52
N ILE B 194 5.70 -5.48 -23.66
CA ILE B 194 4.56 -6.31 -24.05
C ILE B 194 3.89 -5.72 -25.29
N PRO B 195 3.77 -6.52 -26.36
CA PRO B 195 3.16 -6.12 -27.63
C PRO B 195 1.63 -6.06 -27.56
N ASP B 196 1.01 -5.23 -28.39
CA ASP B 196 -0.45 -5.05 -28.40
C ASP B 196 -1.22 -6.37 -28.39
N GLY B 197 -2.34 -6.39 -27.67
CA GLY B 197 -3.24 -7.53 -27.68
C GLY B 197 -2.83 -8.72 -26.82
N MET B 198 -1.54 -8.79 -26.50
CA MET B 198 -1.02 -9.95 -25.79
C MET B 198 -1.67 -10.11 -24.40
N THR B 199 -1.84 -11.36 -23.99
CA THR B 199 -2.23 -11.68 -22.63
C THR B 199 -1.13 -12.46 -21.94
N VAL B 200 -0.57 -11.88 -20.89
CA VAL B 200 0.59 -12.45 -20.21
C VAL B 200 0.30 -12.78 -18.75
N ALA B 201 1.28 -13.41 -18.09
CA ALA B 201 1.13 -13.89 -16.71
C ALA B 201 2.42 -14.56 -16.22
N GLY B 202 2.51 -14.75 -14.91
CA GLY B 202 3.63 -15.48 -14.32
C GLY B 202 4.83 -14.63 -13.97
N ASN B 203 5.80 -15.27 -13.33
CA ASN B 203 7.02 -14.60 -12.87
C ASN B 203 8.25 -15.19 -13.56
N PRO B 204 8.76 -14.54 -14.63
CA PRO B 204 8.30 -13.28 -15.21
C PRO B 204 7.13 -13.46 -16.16
N ALA B 205 6.51 -12.35 -16.53
CA ALA B 205 5.31 -12.36 -17.36
C ALA B 205 5.59 -12.86 -18.76
N LYS B 206 4.99 -14.00 -19.09
CA LYS B 206 5.11 -14.57 -20.42
C LYS B 206 3.72 -14.80 -20.96
N PRO B 207 3.58 -14.83 -22.29
CA PRO B 207 2.29 -15.17 -22.90
C PRO B 207 1.76 -16.50 -22.38
N LEU B 208 0.44 -16.63 -22.30
CA LEU B 208 -0.18 -17.88 -21.87
C LEU B 208 -0.32 -18.87 -23.03
N GLY C 3 16.42 25.52 13.19
CA GLY C 3 16.53 24.56 12.10
C GLY C 3 16.62 25.21 10.73
N ASN C 4 17.48 24.67 9.86
CA ASN C 4 17.64 25.17 8.49
C ASN C 4 16.33 25.34 7.73
N ARG C 5 16.21 26.45 7.02
CA ARG C 5 14.96 26.77 6.33
C ARG C 5 15.06 26.54 4.83
N LYS C 6 16.15 25.89 4.42
CA LYS C 6 16.41 25.58 3.02
C LYS C 6 16.96 24.17 2.93
N LEU C 7 16.61 23.46 1.86
CA LEU C 7 17.08 22.11 1.62
C LEU C 7 17.61 21.99 0.20
N ALA C 8 18.75 21.34 0.03
CA ALA C 8 19.28 21.08 -1.30
C ALA C 8 19.08 19.63 -1.63
N VAL C 9 18.42 19.35 -2.74
CA VAL C 9 18.24 17.96 -3.17
C VAL C 9 19.27 17.59 -4.23
N ILE C 10 20.23 16.75 -3.84
CA ILE C 10 21.25 16.29 -4.79
C ILE C 10 20.71 15.14 -5.61
N GLY C 11 20.59 15.36 -6.92
CA GLY C 11 20.03 14.36 -7.82
C GLY C 11 18.73 14.89 -8.36
N ALA C 12 18.69 15.18 -9.66
CA ALA C 12 17.50 15.82 -10.23
C ALA C 12 16.80 14.93 -11.24
N GLY C 13 17.08 13.62 -11.18
CA GLY C 13 16.38 12.66 -12.00
C GLY C 13 15.00 12.40 -11.45
N GLY C 14 14.39 11.30 -11.89
CA GLY C 14 13.06 10.93 -11.47
C GLY C 14 12.98 10.86 -9.95
N HIS C 15 13.95 10.16 -9.37
CA HIS C 15 13.99 9.98 -7.93
C HIS C 15 13.98 11.31 -7.20
N GLY C 16 14.80 12.25 -7.68
CA GLY C 16 14.88 13.58 -7.09
C GLY C 16 13.57 14.34 -7.16
N LYS C 17 12.80 14.11 -8.21
CA LYS C 17 11.50 14.77 -8.36
C LYS C 17 10.57 14.31 -7.25
N VAL C 18 10.57 13.01 -7.01
CA VAL C 18 9.77 12.45 -5.93
C VAL C 18 10.25 12.96 -4.57
N VAL C 19 11.56 13.03 -4.36
CA VAL C 19 12.08 13.48 -3.07
C VAL C 19 11.76 14.94 -2.83
N ALA C 20 11.99 15.80 -3.82
CA ALA C 20 11.70 17.22 -3.66
C ALA C 20 10.21 17.45 -3.41
N GLU C 21 9.37 16.67 -4.08
CA GLU C 21 7.93 16.77 -3.81
C GLU C 21 7.61 16.33 -2.37
N LEU C 22 8.32 15.31 -1.89
CA LEU C 22 8.16 14.83 -0.51
C LEU C 22 8.46 15.96 0.47
N ALA C 23 9.61 16.61 0.27
CA ALA C 23 10.01 17.70 1.18
C ALA C 23 9.05 18.87 1.09
N ALA C 24 8.61 19.16 -0.12
CA ALA C 24 7.61 20.21 -0.34
C ALA C 24 6.33 19.87 0.44
N ALA C 25 5.91 18.60 0.40
CA ALA C 25 4.72 18.17 1.14
C ALA C 25 4.87 18.33 2.65
N LEU C 26 6.10 18.47 3.13
CA LEU C 26 6.34 18.62 4.55
C LEU C 26 5.97 20.03 4.95
N GLY C 27 6.16 20.97 4.02
CA GLY C 27 5.79 22.35 4.23
C GLY C 27 6.56 23.06 5.32
N THR C 28 7.84 22.73 5.48
CA THR C 28 8.63 23.30 6.57
C THR C 28 9.83 24.06 6.07
N TYR C 29 10.21 23.83 4.82
CA TYR C 29 11.29 24.61 4.25
C TYR C 29 10.73 25.85 3.56
N GLY C 30 11.54 26.89 3.44
CA GLY C 30 11.14 28.10 2.75
C GLY C 30 11.60 28.00 1.30
N GLU C 31 12.58 27.13 1.07
CA GLU C 31 13.06 26.91 -0.28
C GLU C 31 13.66 25.52 -0.44
N ILE C 32 13.37 24.89 -1.58
CA ILE C 32 13.93 23.58 -1.89
C ILE C 32 14.57 23.68 -3.26
N VAL C 33 15.85 23.37 -3.33
CA VAL C 33 16.60 23.54 -4.57
C VAL C 33 17.24 22.23 -4.97
N PHE C 34 17.57 22.10 -6.26
CA PHE C 34 18.25 20.91 -6.76
C PHE C 34 19.74 21.14 -6.98
N LEU C 35 20.53 20.10 -6.84
CA LEU C 35 21.89 20.08 -7.36
C LEU C 35 22.00 18.92 -8.33
N ASP C 36 22.56 19.18 -9.51
CA ASP C 36 22.75 18.11 -10.47
C ASP C 36 23.92 18.43 -11.38
N ASP C 37 24.67 17.41 -11.77
CA ASP C 37 25.87 17.60 -12.54
C ASP C 37 25.60 17.82 -14.03
N ARG C 38 24.32 17.87 -14.40
CA ARG C 38 23.97 17.87 -15.80
C ARG C 38 22.71 18.68 -16.08
N THR C 39 21.65 18.39 -15.31
CA THR C 39 20.39 19.09 -15.47
C THR C 39 20.56 20.57 -15.12
N GLN C 40 19.99 21.44 -15.94
CA GLN C 40 20.12 22.88 -15.75
C GLN C 40 18.76 23.52 -15.61
N GLY C 41 18.71 24.72 -15.04
CA GLY C 41 17.49 25.49 -15.00
C GLY C 41 16.56 25.24 -13.82
N SER C 42 15.47 24.54 -14.09
CA SER C 42 14.41 24.31 -13.10
C SER C 42 13.70 22.99 -13.38
N VAL C 43 13.50 22.20 -12.32
CA VAL C 43 12.75 20.95 -12.45
C VAL C 43 11.51 21.03 -11.59
N ASN C 44 10.35 20.96 -12.23
CA ASN C 44 9.08 20.83 -11.53
C ASN C 44 8.82 22.03 -10.65
N GLY C 45 9.47 23.15 -10.98
CA GLY C 45 9.33 24.38 -10.23
C GLY C 45 10.48 24.56 -9.26
N PHE C 46 11.22 23.49 -9.02
CA PHE C 46 12.38 23.55 -8.14
C PHE C 46 13.61 23.98 -8.93
N PRO C 47 14.25 25.07 -8.49
CA PRO C 47 15.44 25.52 -9.20
C PRO C 47 16.63 24.61 -8.97
N VAL C 48 17.26 24.18 -10.06
CA VAL C 48 18.56 23.54 -10.02
C VAL C 48 19.59 24.65 -9.95
N ILE C 49 20.14 24.88 -8.75
CA ILE C 49 21.02 26.03 -8.52
C ILE C 49 22.50 25.77 -8.82
N GLY C 50 22.86 24.52 -9.08
CA GLY C 50 24.25 24.23 -9.41
C GLY C 50 24.55 22.76 -9.59
N THR C 51 25.83 22.44 -9.69
CA THR C 51 26.28 21.05 -9.65
C THR C 51 26.57 20.64 -8.20
N THR C 52 26.97 19.38 -8.03
CA THR C 52 27.35 18.89 -6.71
C THR C 52 28.56 19.63 -6.14
N LEU C 53 29.34 20.25 -7.02
CA LEU C 53 30.50 21.04 -6.62
C LEU C 53 30.17 22.11 -5.57
N LEU C 54 28.96 22.65 -5.66
CA LEU C 54 28.50 23.65 -4.69
C LEU C 54 28.51 23.12 -3.27
N LEU C 55 28.44 21.79 -3.13
CA LEU C 55 28.39 21.13 -1.83
C LEU C 55 29.70 21.33 -1.05
N GLU C 56 30.82 21.14 -1.74
CA GLU C 56 32.14 21.37 -1.13
C GLU C 56 32.55 22.84 -1.26
N ASN C 57 32.03 23.53 -2.27
CA ASN C 57 32.42 24.91 -2.54
C ASN C 57 31.57 25.99 -1.86
N SER C 58 30.32 26.11 -2.30
CA SER C 58 29.50 27.26 -1.92
C SER C 58 28.57 27.07 -0.69
N LEU C 59 27.86 25.94 -0.65
CA LEU C 59 26.80 25.71 0.33
C LEU C 59 27.22 25.75 1.79
N SER C 60 26.42 26.42 2.62
CA SER C 60 26.67 26.47 4.05
C SER C 60 25.82 25.46 4.82
N PRO C 61 26.47 24.68 5.70
CA PRO C 61 25.72 23.78 6.58
C PRO C 61 24.80 24.51 7.57
N GLU C 62 24.92 25.83 7.67
CA GLU C 62 24.12 26.58 8.60
C GLU C 62 22.88 27.10 7.90
N GLN C 63 22.81 26.87 6.60
CA GLN C 63 21.72 27.37 5.79
C GLN C 63 20.94 26.25 5.11
N PHE C 64 21.65 25.24 4.61
CA PHE C 64 21.02 24.18 3.84
C PHE C 64 21.10 22.83 4.53
N ASP C 65 19.95 22.15 4.60
CA ASP C 65 19.96 20.72 4.86
C ASP C 65 20.28 20.07 3.53
N ILE C 66 20.73 18.82 3.57
CA ILE C 66 21.06 18.09 2.36
C ILE C 66 20.31 16.77 2.33
N THR C 67 19.75 16.43 1.17
CA THR C 67 19.33 15.07 0.94
C THR C 67 19.88 14.58 -0.40
N VAL C 68 20.25 13.30 -0.43
CA VAL C 68 20.89 12.71 -1.62
C VAL C 68 19.88 11.84 -2.33
N ALA C 69 19.22 12.43 -3.32
CA ALA C 69 18.23 11.73 -4.09
C ALA C 69 18.89 11.09 -5.29
N VAL C 70 19.78 10.15 -5.01
CA VAL C 70 20.40 9.33 -6.05
C VAL C 70 19.98 7.92 -5.76
N GLY C 71 19.35 7.28 -6.73
CA GLY C 71 18.85 5.92 -6.54
C GLY C 71 19.95 4.92 -6.29
N ASN C 72 21.04 5.05 -7.05
CA ASN C 72 22.13 4.10 -6.95
C ASN C 72 22.75 4.12 -5.55
N ASN C 73 22.72 2.96 -4.91
CA ASN C 73 23.15 2.84 -3.52
C ASN C 73 24.59 3.27 -3.25
N ARG C 74 25.51 2.87 -4.13
CA ARG C 74 26.93 3.13 -3.93
C ARG C 74 27.25 4.62 -4.05
N ILE C 75 26.67 5.27 -5.05
CA ILE C 75 26.88 6.71 -5.23
C ILE C 75 26.14 7.53 -4.17
N ARG C 76 24.94 7.08 -3.80
CA ARG C 76 24.24 7.73 -2.69
C ARG C 76 25.11 7.65 -1.44
N ARG C 77 25.69 6.48 -1.17
CA ARG C 77 26.61 6.32 -0.05
C ARG C 77 27.77 7.30 -0.12
N GLN C 78 28.34 7.41 -1.33
CA GLN C 78 29.49 8.25 -1.57
C GLN C 78 29.17 9.73 -1.30
N ILE C 79 28.10 10.22 -1.90
CA ILE C 79 27.73 11.62 -1.75
C ILE C 79 27.24 11.93 -0.32
N THR C 80 26.56 10.98 0.30
CA THR C 80 26.08 11.20 1.68
C THR C 80 27.24 11.35 2.67
N GLU C 81 28.17 10.40 2.61
CA GLU C 81 29.35 10.43 3.48
C GLU C 81 30.14 11.71 3.25
N ASN C 82 30.29 12.08 1.99
CA ASN C 82 30.86 13.37 1.65
C ASN C 82 30.13 14.50 2.37
N ALA C 83 28.79 14.54 2.24
CA ALA C 83 27.98 15.60 2.85
C ALA C 83 28.10 15.65 4.37
N ALA C 84 28.07 14.48 5.01
CA ALA C 84 28.21 14.39 6.46
C ALA C 84 29.58 14.88 6.91
N ALA C 85 30.62 14.47 6.18
CA ALA C 85 31.99 14.90 6.46
C ALA C 85 32.14 16.42 6.40
N LEU C 86 31.40 17.05 5.50
CA LEU C 86 31.45 18.50 5.32
C LEU C 86 30.61 19.25 6.37
N GLY C 87 30.03 18.51 7.31
CA GLY C 87 29.28 19.12 8.40
C GLY C 87 27.80 19.35 8.13
N PHE C 88 27.32 18.88 6.98
CA PHE C 88 25.93 19.11 6.59
C PHE C 88 24.96 18.18 7.31
N LYS C 89 23.81 18.71 7.70
CA LYS C 89 22.75 17.86 8.24
C LYS C 89 22.02 17.10 7.15
N LEU C 90 21.74 15.83 7.39
CA LEU C 90 21.05 15.00 6.44
C LEU C 90 19.75 14.48 7.07
N PRO C 91 18.71 15.34 7.10
CA PRO C 91 17.42 15.03 7.72
C PRO C 91 16.82 13.77 7.18
N VAL C 92 16.23 12.96 8.05
CA VAL C 92 15.46 11.82 7.61
C VAL C 92 14.14 12.37 7.09
N LEU C 93 13.88 12.17 5.80
CA LEU C 93 12.68 12.74 5.19
C LEU C 93 11.56 11.71 5.13
N ILE C 94 10.49 11.98 5.86
CA ILE C 94 9.36 11.05 5.91
C ILE C 94 8.11 11.66 5.29
N HIS C 95 7.65 11.07 4.20
CA HIS C 95 6.49 11.59 3.52
C HIS C 95 5.30 11.61 4.47
N PRO C 96 4.50 12.68 4.43
CA PRO C 96 3.34 12.79 5.32
C PRO C 96 2.44 11.59 5.22
N ASP C 97 2.35 11.00 4.04
CA ASP C 97 1.48 9.85 3.86
C ASP C 97 2.21 8.53 4.08
N ALA C 98 3.37 8.60 4.71
CA ALA C 98 4.00 7.37 5.19
C ALA C 98 3.63 7.22 6.66
N THR C 99 3.58 5.99 7.13
CA THR C 99 3.46 5.71 8.55
C THR C 99 4.75 5.12 9.10
N VAL C 100 5.45 5.89 9.93
CA VAL C 100 6.67 5.40 10.56
C VAL C 100 6.47 5.22 12.07
N SER C 101 6.73 4.02 12.57
CA SER C 101 6.58 3.73 14.01
C SER C 101 7.42 4.63 14.91
N PRO C 102 6.83 5.05 16.04
CA PRO C 102 7.55 5.86 17.04
C PRO C 102 8.68 5.08 17.73
N SER C 103 8.70 3.76 17.60
CA SER C 103 9.79 2.97 18.17
C SER C 103 10.85 2.59 17.13
N ALA C 104 10.63 2.98 15.87
CA ALA C 104 11.58 2.70 14.81
C ALA C 104 12.76 3.65 14.84
N ILE C 105 13.92 3.17 14.41
CA ILE C 105 15.12 3.99 14.35
C ILE C 105 15.63 4.09 12.91
N ILE C 106 15.87 5.31 12.46
CA ILE C 106 16.17 5.55 11.06
C ILE C 106 17.36 6.50 10.95
N GLY C 107 18.38 6.10 10.19
CA GLY C 107 19.59 6.89 10.09
C GLY C 107 19.54 8.02 9.07
N GLN C 108 20.37 9.04 9.31
CA GLN C 108 20.43 10.25 8.50
C GLN C 108 20.48 9.97 7.01
N GLY C 109 19.83 10.83 6.22
CA GLY C 109 19.84 10.69 4.78
C GLY C 109 18.87 9.64 4.26
N SER C 110 18.11 9.02 5.16
CA SER C 110 17.12 8.07 4.73
C SER C 110 15.84 8.78 4.26
N VAL C 111 15.11 8.12 3.37
CA VAL C 111 13.93 8.71 2.77
C VAL C 111 12.81 7.68 2.84
N VAL C 112 11.64 8.11 3.32
CA VAL C 112 10.49 7.21 3.41
C VAL C 112 9.32 7.78 2.58
N MET C 113 9.01 7.12 1.47
CA MET C 113 8.09 7.65 0.47
C MET C 113 6.63 7.54 0.88
N ALA C 114 5.77 8.26 0.15
CA ALA C 114 4.32 8.16 0.32
C ALA C 114 3.86 6.70 0.42
N LYS C 115 2.87 6.46 1.27
CA LYS C 115 2.31 5.13 1.54
C LYS C 115 3.28 4.09 2.09
N ALA C 116 4.54 4.46 2.30
CA ALA C 116 5.48 3.48 2.88
C ALA C 116 5.16 3.28 4.36
N VAL C 117 5.52 2.13 4.90
CA VAL C 117 5.32 1.87 6.33
C VAL C 117 6.54 1.21 6.92
N VAL C 118 6.97 1.72 8.07
CA VAL C 118 8.02 1.11 8.87
C VAL C 118 7.46 0.81 10.26
N GLN C 119 7.26 -0.47 10.57
CA GLN C 119 6.68 -0.90 11.84
C GLN C 119 7.67 -0.94 13.03
N ALA C 120 7.15 -1.31 14.20
CA ALA C 120 7.84 -1.17 15.49
C ALA C 120 9.18 -1.89 15.61
N GLY C 121 10.16 -1.20 16.20
CA GLY C 121 11.45 -1.79 16.49
C GLY C 121 12.35 -1.99 15.28
N SER C 122 11.83 -1.66 14.10
CA SER C 122 12.65 -1.68 12.89
C SER C 122 13.81 -0.71 13.03
N VAL C 123 14.99 -1.17 12.61
CA VAL C 123 16.14 -0.29 12.56
C VAL C 123 16.55 -0.09 11.11
N LEU C 124 16.76 1.17 10.74
CA LEU C 124 17.25 1.54 9.41
C LEU C 124 18.53 2.33 9.58
N LYS C 125 19.56 1.94 8.85
CA LYS C 125 20.82 2.66 8.95
C LYS C 125 20.79 3.87 8.05
N ASP C 126 21.93 4.54 7.88
CA ASP C 126 22.02 5.75 7.08
C ASP C 126 21.64 5.53 5.62
N GLY C 127 21.01 6.54 5.02
CA GLY C 127 20.71 6.55 3.60
C GLY C 127 19.87 5.41 3.05
N VAL C 128 18.92 4.92 3.83
CA VAL C 128 18.00 3.91 3.33
C VAL C 128 16.94 4.60 2.50
N ILE C 129 16.44 3.94 1.46
CA ILE C 129 15.24 4.39 0.80
C ILE C 129 14.19 3.31 0.98
N VAL C 130 13.05 3.70 1.55
CA VAL C 130 11.86 2.86 1.55
C VAL C 130 10.86 3.50 0.58
N ASN C 131 10.74 2.92 -0.61
CA ASN C 131 10.03 3.60 -1.68
C ASN C 131 8.52 3.45 -1.66
N THR C 132 7.89 4.06 -2.65
CA THR C 132 6.43 4.20 -2.72
C THR C 132 5.70 2.92 -2.35
N ALA C 133 4.92 2.98 -1.26
CA ALA C 133 4.08 1.88 -0.79
C ALA C 133 4.85 0.64 -0.36
N ALA C 134 6.17 0.75 -0.19
CA ALA C 134 6.93 -0.39 0.33
C ALA C 134 6.74 -0.47 1.85
N THR C 135 6.68 -1.69 2.38
CA THR C 135 6.52 -1.83 3.81
C THR C 135 7.62 -2.68 4.46
N VAL C 136 8.10 -2.19 5.59
CA VAL C 136 9.14 -2.84 6.37
C VAL C 136 8.49 -3.16 7.70
N ASP C 137 8.16 -4.43 7.92
CA ASP C 137 7.45 -4.74 9.14
C ASP C 137 8.31 -4.75 10.41
N HIS C 138 7.78 -5.37 11.46
CA HIS C 138 8.37 -5.22 12.78
C HIS C 138 9.74 -5.88 12.94
N ASP C 139 10.65 -5.17 13.59
CA ASP C 139 11.97 -5.72 13.94
C ASP C 139 12.79 -6.11 12.73
N CYS C 140 12.66 -5.33 11.67
CA CYS C 140 13.51 -5.53 10.52
C CYS C 140 14.78 -4.69 10.68
N LEU C 141 15.87 -5.18 10.08
CA LEU C 141 17.10 -4.41 10.08
C LEU C 141 17.53 -4.17 8.64
N LEU C 142 17.71 -2.89 8.32
CA LEU C 142 18.07 -2.47 6.99
C LEU C 142 19.37 -1.72 7.16
N ASP C 143 20.44 -2.30 6.61
CA ASP C 143 21.76 -1.71 6.78
C ASP C 143 21.94 -0.53 5.83
N ALA C 144 23.04 0.19 5.97
CA ALA C 144 23.20 1.48 5.30
C ALA C 144 22.98 1.43 3.79
N PHE C 145 22.27 2.43 3.29
CA PHE C 145 22.06 2.60 1.86
C PHE C 145 21.38 1.42 1.16
N VAL C 146 20.54 0.72 1.89
CA VAL C 146 19.63 -0.25 1.30
C VAL C 146 18.52 0.48 0.52
N HIS C 147 18.03 -0.13 -0.56
CA HIS C 147 16.88 0.41 -1.26
C HIS C 147 15.77 -0.63 -1.36
N ILE C 148 14.63 -0.32 -0.74
CA ILE C 148 13.42 -1.13 -0.87
C ILE C 148 12.52 -0.45 -1.90
N SER C 149 12.44 -1.04 -3.09
CA SER C 149 11.72 -0.44 -4.20
C SER C 149 10.20 -0.39 -3.95
N PRO C 150 9.45 0.38 -4.76
CA PRO C 150 8.01 0.47 -4.58
C PRO C 150 7.27 -0.86 -4.41
N GLY C 151 6.38 -0.91 -3.42
CA GLY C 151 5.49 -2.04 -3.25
C GLY C 151 6.12 -3.32 -2.73
N ALA C 152 7.42 -3.28 -2.43
CA ALA C 152 8.03 -4.43 -1.79
C ALA C 152 7.57 -4.53 -0.33
N HIS C 153 7.29 -5.74 0.11
CA HIS C 153 6.83 -5.99 1.48
C HIS C 153 7.75 -6.94 2.23
N LEU C 154 8.41 -6.44 3.27
CA LEU C 154 9.29 -7.24 4.10
C LEU C 154 8.55 -7.72 5.36
N SER C 155 8.51 -9.03 5.56
CA SER C 155 7.88 -9.57 6.76
C SER C 155 8.70 -9.22 8.00
N GLY C 156 8.24 -9.68 9.17
CA GLY C 156 8.91 -9.35 10.42
C GLY C 156 10.29 -10.01 10.51
N ASN C 157 11.21 -9.35 11.21
CA ASN C 157 12.58 -9.84 11.38
C ASN C 157 13.21 -10.19 10.04
N THR C 158 13.20 -9.23 9.12
CA THR C 158 13.95 -9.34 7.90
C THR C 158 15.21 -8.49 8.04
N ARG C 159 16.35 -9.04 7.66
CA ARG C 159 17.60 -8.27 7.66
C ARG C 159 18.01 -8.00 6.23
N ILE C 160 18.44 -6.78 5.95
CA ILE C 160 18.96 -6.45 4.63
C ILE C 160 20.35 -5.84 4.77
N GLY C 161 21.34 -6.49 4.19
CA GLY C 161 22.71 -6.04 4.31
C GLY C 161 23.02 -4.81 3.48
N GLU C 162 24.07 -4.07 3.86
CA GLU C 162 24.51 -2.86 3.16
C GLU C 162 24.33 -2.88 1.64
N GLU C 163 23.81 -1.78 1.10
CA GLU C 163 23.74 -1.51 -0.33
C GLU C 163 22.86 -2.45 -1.17
N SER C 164 22.30 -3.48 -0.55
CA SER C 164 21.41 -4.38 -1.26
C SER C 164 20.18 -3.66 -1.80
N ARG C 165 19.48 -4.30 -2.73
CA ARG C 165 18.41 -3.64 -3.45
C ARG C 165 17.23 -4.57 -3.62
N ILE C 166 16.13 -4.29 -2.91
CA ILE C 166 14.94 -5.13 -3.06
C ILE C 166 13.98 -4.52 -4.07
N GLY C 167 13.71 -5.26 -5.13
CA GLY C 167 13.01 -4.75 -6.29
C GLY C 167 11.51 -4.57 -6.11
N THR C 168 10.92 -3.81 -7.02
CA THR C 168 9.51 -3.47 -7.00
C THR C 168 8.61 -4.70 -6.85
N GLY C 169 7.80 -4.72 -5.81
CA GLY C 169 6.84 -5.79 -5.62
C GLY C 169 7.48 -7.09 -5.15
N ALA C 170 8.73 -7.01 -4.70
CA ALA C 170 9.35 -8.19 -4.11
C ALA C 170 8.82 -8.37 -2.68
N CYS C 171 9.05 -9.54 -2.10
CA CYS C 171 8.64 -9.74 -0.73
C CYS C 171 9.56 -10.72 -0.03
N SER C 172 9.40 -10.82 1.29
CA SER C 172 10.15 -11.78 2.08
C SER C 172 9.23 -12.44 3.09
N ARG C 173 9.44 -13.72 3.38
CA ARG C 173 8.78 -14.31 4.52
C ARG C 173 9.56 -13.86 5.76
N GLN C 174 9.02 -14.09 6.96
CA GLN C 174 9.66 -13.60 8.18
C GLN C 174 10.98 -14.32 8.45
N GLN C 175 11.80 -13.75 9.33
CA GLN C 175 13.06 -14.36 9.75
C GLN C 175 13.96 -14.67 8.56
N THR C 176 13.89 -13.83 7.54
CA THR C 176 14.72 -13.99 6.36
C THR C 176 15.85 -12.99 6.42
N THR C 177 17.06 -13.45 6.07
CA THR C 177 18.24 -12.58 6.04
C THR C 177 18.76 -12.43 4.61
N VAL C 178 19.18 -11.21 4.28
CA VAL C 178 19.69 -10.94 2.95
C VAL C 178 21.01 -10.25 3.11
N GLY C 179 22.03 -10.78 2.45
CA GLY C 179 23.38 -10.27 2.58
C GLY C 179 23.54 -8.91 1.96
N SER C 180 24.75 -8.37 2.04
CA SER C 180 25.06 -7.08 1.44
C SER C 180 25.29 -7.24 -0.05
N GLY C 181 25.10 -6.15 -0.79
CA GLY C 181 25.31 -6.13 -2.23
C GLY C 181 24.44 -7.09 -3.02
N VAL C 182 23.29 -7.44 -2.46
CA VAL C 182 22.34 -8.31 -3.14
C VAL C 182 21.42 -7.47 -4.02
N THR C 183 20.94 -8.06 -5.11
CA THR C 183 19.93 -7.44 -5.94
C THR C 183 18.82 -8.45 -6.09
N ALA C 184 17.70 -8.22 -5.40
CA ALA C 184 16.54 -9.05 -5.63
C ALA C 184 15.68 -8.22 -6.57
N GLY C 185 15.26 -8.82 -7.68
CA GLY C 185 14.55 -8.06 -8.69
C GLY C 185 13.06 -7.95 -8.42
N ALA C 186 12.38 -7.22 -9.29
CA ALA C 186 10.94 -7.08 -9.23
C ALA C 186 10.23 -8.42 -9.08
N GLY C 187 9.33 -8.52 -8.09
CA GLY C 187 8.52 -9.71 -7.90
C GLY C 187 9.19 -10.83 -7.13
N ALA C 188 10.46 -10.64 -6.78
CA ALA C 188 11.22 -11.69 -6.13
C ALA C 188 10.58 -12.10 -4.81
N VAL C 189 10.26 -13.38 -4.71
CA VAL C 189 9.62 -13.96 -3.53
C VAL C 189 10.67 -14.64 -2.65
N ILE C 190 11.32 -13.85 -1.81
CA ILE C 190 12.44 -14.29 -0.98
C ILE C 190 12.03 -15.15 0.22
N VAL C 191 12.07 -16.47 0.07
CA VAL C 191 11.71 -17.37 1.16
C VAL C 191 12.90 -18.15 1.76
N CYS C 192 14.12 -17.65 1.55
CA CYS C 192 15.29 -18.21 2.21
C CYS C 192 16.41 -17.18 2.24
N ASP C 193 17.43 -17.42 3.03
CA ASP C 193 18.53 -16.47 3.14
C ASP C 193 19.21 -16.28 1.80
N ILE C 194 19.90 -15.15 1.66
CA ILE C 194 20.57 -14.82 0.41
C ILE C 194 21.96 -14.25 0.71
N PRO C 195 22.99 -14.93 0.19
CA PRO C 195 24.41 -14.63 0.43
C PRO C 195 24.83 -13.33 -0.25
N ASP C 196 25.94 -12.75 0.20
CA ASP C 196 26.43 -11.48 -0.36
C ASP C 196 26.56 -11.46 -1.88
N GLY C 197 26.54 -10.26 -2.45
CA GLY C 197 26.74 -10.04 -3.88
C GLY C 197 25.82 -10.74 -4.86
N MET C 198 25.02 -11.70 -4.38
CA MET C 198 24.16 -12.49 -5.25
C MET C 198 23.04 -11.64 -5.90
N THR C 199 22.53 -12.11 -7.04
CA THR C 199 21.42 -11.48 -7.73
C THR C 199 20.35 -12.53 -7.97
N VAL C 200 19.15 -12.32 -7.44
CA VAL C 200 18.11 -13.34 -7.52
C VAL C 200 16.83 -12.73 -8.05
N ALA C 201 15.93 -13.59 -8.52
CA ALA C 201 14.60 -13.18 -8.95
C ALA C 201 13.77 -14.44 -8.99
N GLY C 202 12.49 -14.30 -9.27
CA GLY C 202 11.60 -15.44 -9.41
C GLY C 202 10.80 -15.80 -8.17
N ASN C 203 9.87 -16.73 -8.36
CA ASN C 203 9.00 -17.23 -7.31
C ASN C 203 9.15 -18.76 -7.20
N PRO C 204 10.02 -19.22 -6.28
CA PRO C 204 10.78 -18.44 -5.30
C PRO C 204 12.04 -17.85 -5.90
N ALA C 205 12.63 -16.89 -5.21
CA ALA C 205 13.83 -16.23 -5.68
C ALA C 205 15.01 -17.18 -5.74
N LYS C 206 15.56 -17.37 -6.93
CA LYS C 206 16.80 -18.14 -7.10
C LYS C 206 17.79 -17.25 -7.82
N PRO C 207 19.09 -17.56 -7.68
CA PRO C 207 20.08 -16.90 -8.55
C PRO C 207 19.66 -17.09 -10.01
N LEU C 208 19.84 -16.06 -10.83
CA LEU C 208 19.42 -16.15 -12.23
C LEU C 208 20.42 -16.96 -13.05
N1A ACO D . -0.68 -15.88 -13.23
C2A ACO D . -0.12 -17.04 -13.60
N3A ACO D . -0.80 -18.02 -14.24
C4A ACO D . -2.10 -17.86 -14.56
C5A ACO D . -2.78 -16.61 -14.19
C6A ACO D . -1.98 -15.57 -13.49
N6A ACO D . -2.54 -14.39 -13.12
N7A ACO D . -4.06 -16.71 -14.62
C8A ACO D . -4.19 -17.93 -15.20
N9A ACO D . -3.03 -18.61 -15.16
C1B ACO D . -2.82 -19.97 -15.71
C2B ACO D . -3.60 -20.99 -14.90
O2B ACO D . -2.86 -21.49 -13.77
C3B ACO D . -3.91 -22.08 -15.91
O3B ACO D . -2.78 -22.94 -16.07
P3B ACO D . -2.91 -24.50 -16.48
O7A ACO D . -4.15 -25.02 -15.77
O8A ACO D . -3.04 -24.44 -17.99
O9A ACO D . -1.60 -25.09 -15.99
C4B ACO D . -4.04 -21.30 -17.22
O4B ACO D . -3.34 -20.06 -17.05
C5B ACO D . -5.50 -21.07 -17.59
O5B ACO D . -6.14 -20.21 -16.66
P1A ACO D . -7.71 -19.85 -16.85
O1A ACO D . -8.43 -20.19 -15.57
O2A ACO D . -8.16 -20.43 -18.18
O3A ACO D . -7.63 -18.25 -16.97
P2A ACO D . -8.57 -17.31 -17.89
O4A ACO D . -8.19 -17.47 -19.34
O5A ACO D . -10.01 -17.46 -17.45
O6A ACO D . -8.02 -15.87 -17.42
CBP ACO D . -6.33 -14.37 -16.54
CCP ACO D . -6.62 -15.75 -17.10
CDP ACO D . -7.18 -13.34 -17.27
CEP ACO D . -4.85 -14.07 -16.72
CAP ACO D . -6.71 -14.40 -15.04
OAP ACO D . -6.17 -15.58 -14.43
C9P ACO D . -6.23 -13.18 -14.28
O9P ACO D . -5.13 -13.14 -13.77
N8P ACO D . -7.10 -12.17 -14.19
C7P ACO D . -6.77 -11.00 -13.41
C6P ACO D . -8.03 -10.41 -12.75
C5P ACO D . -7.71 -9.23 -11.87
O5P ACO D . -6.60 -8.73 -11.80
N4P ACO D . -8.73 -8.75 -11.17
C3P ACO D . -9.26 -7.41 -11.41
C2P ACO D . -10.46 -7.14 -10.52
S1P ACO D . -10.17 -5.67 -9.60
C ACO D . -11.16 -5.96 -8.28
O ACO D . -11.78 -7.02 -8.20
CH3 ACO D . -11.25 -4.88 -7.25
NA NA E . 1.18 -3.46 -2.22
N1A ACO F . 11.76 -11.77 -12.31
C2A ACO F . 11.82 -12.95 -12.98
N3A ACO F . 12.66 -13.19 -14.01
C4A ACO F . 13.52 -12.23 -14.45
C5A ACO F . 13.50 -10.91 -13.78
C6A ACO F . 12.55 -10.72 -12.65
N6A ACO F . 12.49 -9.54 -11.98
N7A ACO F . 14.42 -10.15 -14.39
C8A ACO F . 14.98 -10.89 -15.37
N9A ACO F . 14.44 -12.13 -15.42
C1B ACO F . 14.86 -13.18 -16.38
C2B ACO F . 13.95 -13.28 -17.60
O2B ACO F . 13.10 -14.42 -17.50
C3B ACO F . 14.88 -13.47 -18.76
O3B ACO F . 15.13 -14.86 -18.93
P3B ACO F . 14.98 -15.63 -20.34
O7A ACO F . 14.88 -14.55 -21.39
O8A ACO F . 16.25 -16.43 -20.39
O9A ACO F . 13.73 -16.47 -20.15
C4B ACO F . 16.19 -12.86 -18.30
O4B ACO F . 16.17 -12.84 -16.87
C5B ACO F . 16.33 -11.44 -18.83
O5B ACO F . 17.41 -10.84 -18.14
P1A ACO F . 17.67 -9.25 -18.12
O1A ACO F . 16.32 -8.57 -18.19
O2A ACO F . 18.74 -8.89 -19.11
O3A ACO F . 18.25 -9.16 -16.63
P2A ACO F . 19.28 -8.04 -16.11
O4A ACO F . 20.67 -8.65 -16.06
O5A ACO F . 19.03 -6.75 -16.85
O6A ACO F . 18.77 -7.88 -14.59
CBP ACO F . 16.95 -7.60 -12.98
CCP ACO F . 17.39 -8.15 -14.33
CDP ACO F . 18.03 -6.70 -12.38
CEP ACO F . 16.65 -8.76 -12.02
CAP ACO F . 15.66 -6.83 -13.27
OAP ACO F . 14.84 -7.60 -14.16
C9P ACO F . 14.89 -6.44 -12.04
O9P ACO F . 13.91 -7.09 -11.69
N8P ACO F . 15.31 -5.35 -11.40
C7P ACO F . 14.43 -4.62 -10.52
C6P ACO F . 14.04 -3.25 -11.07
C5P ACO F . 13.24 -2.55 -9.99
O5P ACO F . 13.00 -3.12 -8.94
N4P ACO F . 12.85 -1.32 -10.22
C3P ACO F . 12.85 -0.35 -9.16
C2P ACO F . 12.52 1.02 -9.72
S1P ACO F . 12.58 2.23 -8.44
C ACO F . 11.39 3.22 -9.06
O ACO F . 10.69 2.81 -9.99
CH3 ACO F . 11.20 4.60 -8.51
N1A ACO G . 6.61 -19.29 -2.54
C2A ACO G . 7.15 -20.18 -3.39
N3A ACO G . 7.89 -21.24 -2.98
C4A ACO G . 8.14 -21.45 -1.66
C5A ACO G . 7.59 -20.50 -0.68
C6A ACO G . 6.78 -19.37 -1.20
N6A ACO G . 6.22 -18.45 -0.35
N7A ACO G . 7.98 -20.92 0.53
C8A ACO G . 8.71 -22.05 0.35
N9A ACO G . 8.81 -22.35 -0.96
C1B ACO G . 9.53 -23.51 -1.52
C2B ACO G . 11.01 -23.40 -1.15
O2B ACO G . 11.77 -22.71 -2.14
C3B ACO G . 11.41 -24.85 -1.00
O3B ACO G . 11.61 -25.39 -2.31
P3B ACO G . 12.79 -26.42 -2.72
O7A ACO G . 13.88 -26.25 -1.66
O8A ACO G . 12.09 -27.75 -2.65
O9A ACO G . 13.15 -25.92 -4.10
C4B ACO G . 10.15 -25.52 -0.49
O4B ACO G . 9.05 -24.71 -0.91
C5B ACO G . 10.13 -25.71 1.03
O5B ACO G . 10.27 -24.46 1.70
P1A ACO G . 10.60 -24.43 3.27
O1A ACO G . 11.82 -23.54 3.47
O2A ACO G . 10.58 -25.84 3.78
O3A ACO G . 9.31 -23.67 3.88
P2A ACO G . 8.22 -24.48 4.75
O4A ACO G . 7.83 -25.72 3.98
O5A ACO G . 8.72 -24.54 6.18
O6A ACO G . 6.95 -23.49 4.72
CBP ACO G . 5.63 -21.79 3.67
CCP ACO G . 6.49 -23.02 3.46
CDP ACO G . 4.80 -21.93 4.94
CEP ACO G . 4.72 -21.68 2.45
CAP ACO G . 6.56 -20.58 3.83
OAP ACO G . 7.76 -20.74 3.05
C9P ACO G . 5.88 -19.26 3.52
O9P ACO G . 5.91 -18.77 2.39
N8P ACO G . 5.27 -18.68 4.56
C7P ACO G . 4.66 -17.37 4.51
C6P ACO G . 4.97 -16.56 5.77
C5P ACO G . 4.34 -15.17 5.72
O5P ACO G . 3.53 -14.89 4.85
N4P ACO G . 4.70 -14.31 6.67
C3P ACO G . 3.69 -13.73 7.54
C2P ACO G . 4.36 -12.87 8.59
S1P ACO G . 3.27 -11.63 9.22
C ACO G . 4.50 -10.50 9.37
O ACO G . 5.58 -10.79 8.85
CH3 ACO G . 4.29 -9.21 10.11
#